data_7OM4
#
_entry.id   7OM4
#
_cell.length_a   307.610
_cell.length_b   307.610
_cell.length_c   135.138
_cell.angle_alpha   90.000
_cell.angle_beta   90.000
_cell.angle_gamma   120.000
#
_symmetry.space_group_name_H-M   'P 61 2 2'
#
loop_
_entity.id
_entity.type
_entity.pdbx_description
1 polymer 'Epidermal growth factor receptor'
2 polymer 'Epidermal growth factor'
3 polymer 'Nanobody EgB4'
4 non-polymer 2-acetamido-2-deoxy-beta-D-glucopyranose
#
loop_
_entity_poly.entity_id
_entity_poly.type
_entity_poly.pdbx_seq_one_letter_code
_entity_poly.pdbx_strand_id
1 'polypeptide(L)'
;LEEKKVCQGTSNKLTQLGTFEDHFLSLQRMFNNCEVVLGNLEITYVQRNYDLSFLKTIQEVAGYVLIALNTVERIPLENL
QIIRGNMYYENSYALAVLSNYDANKTGLKELPMRNLQEILHGAVRFSNNPALCNVESIQWRDIVSSDFLSNMSMDFQNHL
GSCQKCDPSCPNGSCWGAGEENCQKLTKIICAQQCSGRCRGKSPSDCCHNQCAAGCTGPRESDCLVCRKFRDEATCKDTC
PPLMLYNPTTYQMDVNPEGKYSFGATCVKKCPRNYVVTDHGSCVRACGADSYEMEEDGVRKCKKCEGPCRKVCNGIGIGE
FKDSLSINATNIKHFKNCTSISGDLHILPVAFRGDSFTHTPPLDPQELDILKTVKEITGFLLIQAWPENRTDLHAFENLE
IIRGRTKQHGQFSLAVVSLNITSLGLRSLKEISDGDVIISGNKNLCYANTINWKKLFGTSGQKTKIISNRGENSCKATGQ
VCHALCSPEGCWGPEPRDCVSCRNVSRGRECVDKCNLLEGEPREFVENSECIQCHPECLPQAMNITCTGRGPDNCIQCAH
YIDGPHCVKTCPAGVMGENNTLVWKYADAGHVCHLCHPNCTYGCTGPGLEGCPTNGPKIPSAAAHHHHHH
;
A
2 'polypeptide(L)' NSDSECPLSHDGYCLHDGVCMYIEALDKYACNCVVGYIGERCQYRDLKWWELR C
3 'polypeptide(L)'
;QVQLQESGGGSVQAGGSLKLSCAASGRSFSTYAMGWFRQAPGQDREFVATISWTDSTDYADSVKGRFTISRDNAKNTGYL
QMNSLKPEDTAVYYCAADRWASSRRNVDYDYWGQGTQVTVSSHGSGLVPR
;
B
#
loop_
_chem_comp.id
_chem_comp.type
_chem_comp.name
_chem_comp.formula
NAG D-saccharide, beta linking 2-acetamido-2-deoxy-beta-D-glucopyranose 'C8 H15 N O6'
#
# COMPACT_ATOMS: atom_id res chain seq x y z
N LEU A 1 20.04 15.75 1.90
CA LEU A 1 18.73 15.34 1.41
C LEU A 1 17.77 15.09 2.57
N GLU A 2 16.61 15.76 2.51
CA GLU A 2 15.62 15.62 3.57
C GLU A 2 14.99 14.23 3.56
N GLU A 3 14.41 13.85 2.43
CA GLU A 3 13.87 12.52 2.22
C GLU A 3 14.78 11.73 1.30
N LYS A 4 14.63 10.40 1.35
CA LYS A 4 15.41 9.51 0.52
C LYS A 4 14.66 9.18 -0.77
N LYS A 5 15.40 9.16 -1.88
CA LYS A 5 14.79 9.02 -3.20
C LYS A 5 14.28 7.59 -3.42
N VAL A 6 13.03 7.48 -3.84
CA VAL A 6 12.28 6.23 -3.72
C VAL A 6 12.08 5.62 -5.10
N CYS A 7 11.93 4.29 -5.13
CA CYS A 7 11.50 3.55 -6.30
C CYS A 7 10.30 2.68 -5.95
N GLN A 8 9.42 2.49 -6.94
CA GLN A 8 8.07 2.02 -6.66
C GLN A 8 8.05 0.54 -6.30
N GLY A 9 8.85 -0.27 -6.97
CA GLY A 9 8.89 -1.69 -6.69
C GLY A 9 7.76 -2.46 -7.35
N THR A 10 7.96 -3.78 -7.46
CA THR A 10 7.13 -4.64 -8.28
C THR A 10 6.65 -5.83 -7.45
N SER A 11 5.48 -6.36 -7.82
CA SER A 11 4.88 -7.53 -7.19
C SER A 11 4.67 -8.68 -8.16
N ASN A 12 5.33 -8.64 -9.32
CA ASN A 12 5.08 -9.60 -10.40
C ASN A 12 5.59 -10.99 -10.10
N LYS A 13 6.42 -11.16 -9.07
CA LYS A 13 6.99 -12.46 -8.68
C LYS A 13 7.77 -13.04 -9.86
N LEU A 14 7.35 -14.17 -10.44
CA LEU A 14 8.19 -14.93 -11.36
C LEU A 14 7.91 -14.60 -12.82
N THR A 15 7.14 -13.55 -13.09
CA THR A 15 6.94 -13.07 -14.46
C THR A 15 8.26 -12.63 -15.07
N GLN A 16 8.72 -13.35 -16.08
CA GLN A 16 9.89 -12.97 -16.86
C GLN A 16 9.45 -12.10 -18.03
N LEU A 17 9.95 -10.86 -18.06
CA LEU A 17 9.65 -9.94 -19.15
C LEU A 17 10.58 -10.24 -20.32
N GLY A 18 10.10 -11.04 -21.26
CA GLY A 18 10.90 -11.46 -22.40
C GLY A 18 12.10 -12.29 -21.98
N THR A 19 13.28 -11.87 -22.44
CA THR A 19 14.53 -12.57 -22.12
C THR A 19 15.15 -12.02 -20.84
N PHE A 20 16.23 -12.68 -20.42
CA PHE A 20 16.89 -12.34 -19.17
C PHE A 20 17.38 -10.90 -19.19
N GLU A 21 17.96 -10.47 -20.31
CA GLU A 21 18.43 -9.10 -20.46
C GLU A 21 17.28 -8.11 -20.29
N ASP A 22 16.15 -8.38 -20.95
CA ASP A 22 15.00 -7.47 -20.89
C ASP A 22 14.55 -7.23 -19.45
N HIS A 23 14.35 -8.33 -18.71
CA HIS A 23 13.97 -8.23 -17.30
C HIS A 23 15.04 -7.48 -16.51
N PHE A 24 16.30 -7.89 -16.66
CA PHE A 24 17.42 -7.22 -16.00
C PHE A 24 17.37 -5.71 -16.25
N LEU A 25 17.02 -5.30 -17.47
CA LEU A 25 17.03 -3.89 -17.83
C LEU A 25 15.84 -3.17 -17.20
N SER A 26 14.66 -3.79 -17.25
CA SER A 26 13.51 -3.25 -16.53
C SER A 26 13.87 -2.99 -15.07
N LEU A 27 14.59 -3.94 -14.46
CA LEU A 27 15.06 -3.79 -13.09
C LEU A 27 16.00 -2.59 -12.98
N GLN A 28 17.02 -2.55 -13.84
CA GLN A 28 18.01 -1.47 -13.79
C GLN A 28 17.30 -0.12 -13.86
N ARG A 29 16.44 0.05 -14.86
CA ARG A 29 15.65 1.28 -15.00
C ARG A 29 14.93 1.61 -13.70
N MET A 30 14.24 0.63 -13.13
CA MET A 30 13.40 0.88 -11.96
C MET A 30 14.26 1.34 -10.78
N PHE A 31 15.24 0.52 -10.39
CA PHE A 31 15.92 0.62 -9.11
C PHE A 31 17.23 1.41 -9.19
N ASN A 32 17.49 2.07 -10.31
CA ASN A 32 18.69 2.89 -10.44
C ASN A 32 18.63 4.07 -9.49
N ASN A 33 19.67 4.23 -8.66
CA ASN A 33 19.79 5.33 -7.71
C ASN A 33 18.62 5.35 -6.72
N CYS A 34 18.02 4.20 -6.50
CA CYS A 34 16.95 4.05 -5.51
C CYS A 34 17.55 3.95 -4.12
N GLU A 35 17.04 4.77 -3.20
CA GLU A 35 17.50 4.77 -1.82
C GLU A 35 16.61 3.89 -0.94
N VAL A 36 15.29 4.05 -1.03
CA VAL A 36 14.34 3.27 -0.23
C VAL A 36 13.33 2.65 -1.18
N VAL A 37 13.14 1.34 -1.06
CA VAL A 37 12.25 0.60 -1.95
C VAL A 37 10.84 0.58 -1.38
N LEU A 38 9.91 1.21 -2.10
CA LEU A 38 8.52 1.25 -1.64
C LEU A 38 7.88 -0.13 -1.72
N GLY A 39 8.16 -0.88 -2.79
CA GLY A 39 7.49 -2.13 -3.07
C GLY A 39 8.25 -3.36 -2.60
N ASN A 40 8.61 -4.23 -3.54
CA ASN A 40 9.32 -5.47 -3.22
C ASN A 40 10.54 -5.60 -4.11
N LEU A 41 11.59 -6.21 -3.56
CA LEU A 41 12.84 -6.43 -4.28
C LEU A 41 12.83 -7.83 -4.90
N GLU A 42 12.46 -7.91 -6.17
CA GLU A 42 12.33 -9.17 -6.89
C GLU A 42 13.56 -9.37 -7.77
N ILE A 43 14.62 -9.91 -7.15
CA ILE A 43 15.87 -10.24 -7.86
C ILE A 43 15.70 -11.66 -8.42
N THR A 44 15.13 -11.74 -9.62
CA THR A 44 14.88 -13.01 -10.30
C THR A 44 15.59 -13.01 -11.64
N TYR A 45 16.14 -14.17 -12.02
CA TYR A 45 16.70 -14.42 -13.35
C TYR A 45 17.90 -13.49 -13.61
N VAL A 46 18.79 -13.40 -12.63
CA VAL A 46 20.05 -12.66 -12.78
C VAL A 46 21.13 -13.68 -13.14
N GLN A 47 21.48 -13.70 -14.42
CA GLN A 47 22.36 -14.74 -14.97
C GLN A 47 23.82 -14.39 -14.68
N ARG A 48 24.73 -15.21 -15.23
CA ARG A 48 26.16 -15.00 -15.08
C ARG A 48 26.57 -13.57 -15.36
N ASN A 49 27.40 -13.01 -14.47
CA ASN A 49 27.89 -11.62 -14.55
C ASN A 49 26.67 -10.73 -14.42
N TYR A 50 26.32 -9.93 -15.42
CA TYR A 50 25.26 -8.92 -15.30
C TYR A 50 25.49 -8.03 -14.08
N ASP A 51 26.66 -7.39 -14.06
CA ASP A 51 27.14 -6.63 -12.91
C ASP A 51 26.06 -5.71 -12.35
N LEU A 52 25.86 -5.80 -11.03
CA LEU A 52 24.75 -5.12 -10.38
C LEU A 52 25.23 -4.00 -9.45
N SER A 53 26.17 -3.19 -9.94
CA SER A 53 26.69 -2.06 -9.15
C SER A 53 25.56 -1.21 -8.58
N PHE A 54 24.63 -0.81 -9.45
CA PHE A 54 23.60 0.17 -9.08
C PHE A 54 22.76 -0.28 -7.89
N LEU A 55 22.76 -1.58 -7.57
CA LEU A 55 21.95 -2.10 -6.48
C LEU A 55 22.54 -1.75 -5.12
N LYS A 56 23.85 -1.51 -5.05
CA LYS A 56 24.51 -1.21 -3.78
C LYS A 56 23.78 -0.12 -3.00
N THR A 57 23.25 0.88 -3.70
CA THR A 57 22.69 2.07 -3.07
C THR A 57 21.38 1.78 -2.34
N ILE A 58 20.81 0.59 -2.50
CA ILE A 58 19.53 0.25 -1.90
C ILE A 58 19.71 -0.01 -0.42
N GLN A 59 18.91 0.67 0.41
CA GLN A 59 19.05 0.70 1.85
C GLN A 59 18.05 -0.21 2.56
N GLU A 60 16.79 -0.20 2.14
CA GLU A 60 15.75 -0.94 2.83
C GLU A 60 14.58 -1.15 1.89
N VAL A 61 13.66 -2.02 2.31
CA VAL A 61 12.49 -2.40 1.51
C VAL A 61 11.29 -2.51 2.44
N ALA A 62 10.21 -1.82 2.09
CA ALA A 62 8.98 -1.92 2.87
C ALA A 62 8.44 -3.35 2.86
N GLY A 63 8.43 -3.99 1.69
CA GLY A 63 7.85 -5.30 1.52
C GLY A 63 8.88 -6.42 1.56
N TYR A 64 8.42 -7.61 1.16
CA TYR A 64 9.28 -8.79 1.16
C TYR A 64 10.28 -8.73 0.00
N VAL A 65 11.25 -9.65 0.04
CA VAL A 65 12.29 -9.74 -0.97
C VAL A 65 12.37 -11.17 -1.49
N LEU A 66 12.49 -11.30 -2.81
CA LEU A 66 12.55 -12.60 -3.48
C LEU A 66 13.81 -12.63 -4.33
N ILE A 67 14.80 -13.41 -3.90
CA ILE A 67 16.02 -13.68 -4.65
C ILE A 67 15.92 -15.11 -5.16
N ALA A 68 15.64 -15.27 -6.45
CA ALA A 68 15.41 -16.60 -7.01
C ALA A 68 16.03 -16.72 -8.39
N LEU A 69 16.55 -17.93 -8.67
CA LEU A 69 17.07 -18.30 -9.98
C LEU A 69 18.14 -17.32 -10.47
N ASN A 70 19.06 -16.99 -9.56
CA ASN A 70 20.16 -16.07 -9.84
C ASN A 70 21.47 -16.83 -9.82
N THR A 71 22.03 -17.07 -11.01
CA THR A 71 23.28 -17.79 -11.17
C THR A 71 24.49 -16.86 -11.05
N VAL A 72 24.24 -15.56 -10.94
CA VAL A 72 25.26 -14.52 -10.78
C VAL A 72 26.19 -14.86 -9.61
N GLU A 73 27.44 -14.41 -9.72
CA GLU A 73 28.43 -14.64 -8.67
C GLU A 73 28.23 -13.66 -7.52
N ARG A 74 28.37 -12.36 -7.80
CA ARG A 74 28.36 -11.33 -6.77
C ARG A 74 27.05 -10.57 -6.81
N ILE A 75 26.43 -10.41 -5.66
CA ILE A 75 25.25 -9.55 -5.49
C ILE A 75 25.54 -8.55 -4.38
N PRO A 76 26.22 -7.44 -4.69
CA PRO A 76 26.65 -6.52 -3.63
C PRO A 76 25.53 -5.65 -3.10
N LEU A 77 24.83 -6.15 -2.08
CA LEU A 77 23.80 -5.38 -1.40
C LEU A 77 24.30 -5.00 -0.01
N GLU A 78 25.46 -4.34 0.03
CA GLU A 78 26.16 -4.09 1.29
C GLU A 78 25.41 -3.09 2.16
N ASN A 79 24.87 -2.03 1.54
CA ASN A 79 24.22 -0.96 2.28
C ASN A 79 22.77 -1.27 2.62
N LEU A 80 22.27 -2.44 2.20
CA LEU A 80 20.96 -2.90 2.61
C LEU A 80 20.99 -3.18 4.10
N GLN A 81 20.11 -2.53 4.86
CA GLN A 81 20.18 -2.48 6.31
C GLN A 81 19.06 -3.23 7.01
N ILE A 82 17.83 -3.14 6.51
CA ILE A 82 16.65 -3.57 7.27
C ILE A 82 15.56 -3.91 6.27
N ILE A 83 14.61 -4.75 6.67
CA ILE A 83 13.42 -5.04 5.88
C ILE A 83 12.21 -4.95 6.80
N ARG A 84 11.40 -3.90 6.60
CA ARG A 84 10.14 -3.80 7.33
C ARG A 84 9.28 -5.03 7.09
N GLY A 85 9.09 -5.40 5.84
CA GLY A 85 8.37 -6.61 5.46
C GLY A 85 6.93 -6.65 5.92
N ASN A 86 6.15 -5.63 5.52
CA ASN A 86 4.72 -5.62 5.84
C ASN A 86 3.96 -6.66 5.05
N MET A 87 4.50 -7.12 3.93
CA MET A 87 3.97 -8.26 3.18
C MET A 87 4.96 -9.41 3.23
N TYR A 88 4.43 -10.63 3.20
CA TYR A 88 5.22 -11.85 3.23
C TYR A 88 5.17 -12.52 1.87
N TYR A 89 6.23 -13.27 1.57
CA TYR A 89 6.25 -14.12 0.38
C TYR A 89 5.39 -15.35 0.63
N GLU A 90 4.22 -15.38 -0.02
CA GLU A 90 3.26 -16.49 0.12
C GLU A 90 2.83 -16.64 1.58
N ASN A 91 2.68 -15.52 2.27
CA ASN A 91 2.20 -15.48 3.66
C ASN A 91 3.09 -16.30 4.59
N SER A 92 4.38 -16.30 4.32
CA SER A 92 5.30 -17.21 5.01
C SER A 92 6.55 -16.48 5.48
N TYR A 93 7.31 -15.92 4.54
CA TYR A 93 8.65 -15.43 4.81
C TYR A 93 8.80 -14.00 4.31
N ALA A 94 9.67 -13.25 4.99
CA ALA A 94 10.06 -11.92 4.54
C ALA A 94 11.11 -11.97 3.44
N LEU A 95 12.00 -12.94 3.47
CA LEU A 95 13.03 -13.12 2.45
C LEU A 95 13.01 -14.55 1.94
N ALA A 96 13.00 -14.69 0.61
CA ALA A 96 13.01 -16.00 -0.04
C ALA A 96 14.23 -16.09 -0.94
N VAL A 97 15.20 -16.91 -0.56
CA VAL A 97 16.44 -17.12 -1.31
C VAL A 97 16.43 -18.55 -1.82
N LEU A 98 16.09 -18.74 -3.10
CA LEU A 98 15.87 -20.07 -3.63
C LEU A 98 16.54 -20.26 -4.98
N SER A 99 17.07 -21.48 -5.19
CA SER A 99 17.56 -21.97 -6.48
C SER A 99 18.54 -20.99 -7.14
N ASN A 100 19.57 -20.61 -6.39
CA ASN A 100 20.65 -19.78 -6.93
C ASN A 100 21.79 -20.66 -7.42
N TYR A 101 21.56 -21.31 -8.57
CA TYR A 101 22.56 -22.17 -9.18
C TYR A 101 22.30 -22.25 -10.67
N ASP A 102 23.34 -22.63 -11.40
CA ASP A 102 23.26 -22.97 -12.82
C ASP A 102 23.48 -24.46 -13.01
N ALA A 103 23.18 -24.93 -14.23
CA ALA A 103 23.43 -26.33 -14.59
C ALA A 103 24.88 -26.74 -14.35
N ASN A 104 25.83 -25.82 -14.53
CA ASN A 104 27.25 -26.10 -14.45
C ASN A 104 27.81 -25.86 -13.05
N LYS A 105 26.95 -25.78 -12.04
CA LYS A 105 27.33 -25.66 -10.63
C LYS A 105 28.05 -24.33 -10.37
N THR A 106 27.49 -23.25 -10.91
CA THR A 106 27.93 -21.89 -10.62
C THR A 106 26.71 -21.09 -10.16
N GLY A 107 26.77 -20.57 -8.94
CA GLY A 107 25.65 -19.84 -8.38
C GLY A 107 26.08 -18.66 -7.53
N LEU A 108 25.14 -18.11 -6.77
CA LEU A 108 25.45 -17.06 -5.81
C LEU A 108 26.61 -17.45 -4.91
N LYS A 109 27.66 -16.62 -4.92
CA LYS A 109 28.88 -16.90 -4.15
C LYS A 109 29.10 -15.82 -3.10
N GLU A 110 29.40 -14.59 -3.50
CA GLU A 110 29.68 -13.52 -2.57
C GLU A 110 28.40 -12.74 -2.26
N LEU A 111 28.18 -12.45 -0.97
CA LEU A 111 27.01 -11.71 -0.52
C LEU A 111 27.36 -10.96 0.76
N PRO A 112 28.14 -9.88 0.64
CA PRO A 112 28.65 -9.16 1.83
C PRO A 112 27.66 -8.11 2.34
N MET A 113 26.47 -8.58 2.74
CA MET A 113 25.43 -7.70 3.27
C MET A 113 25.68 -7.45 4.76
N ARG A 114 26.79 -6.75 5.02
CA ARG A 114 27.29 -6.58 6.38
C ARG A 114 26.39 -5.66 7.20
N ASN A 115 25.60 -4.81 6.56
CA ASN A 115 24.82 -3.81 7.26
C ASN A 115 23.37 -4.24 7.46
N LEU A 116 22.96 -5.36 6.87
CA LEU A 116 21.61 -5.90 7.04
C LEU A 116 21.52 -6.56 8.41
N GLN A 117 20.85 -5.90 9.35
CA GLN A 117 20.87 -6.31 10.75
C GLN A 117 19.51 -6.39 11.41
N GLU A 118 18.42 -6.18 10.67
CA GLU A 118 17.10 -6.20 11.29
C GLU A 118 16.06 -6.62 10.26
N ILE A 119 15.05 -7.35 10.73
CA ILE A 119 13.85 -7.69 9.96
C ILE A 119 12.68 -7.63 10.92
N LEU A 120 11.82 -6.63 10.77
CA LEU A 120 10.72 -6.44 11.72
C LEU A 120 9.79 -7.64 11.74
N HIS A 121 9.33 -8.08 10.57
CA HIS A 121 8.33 -9.14 10.49
C HIS A 121 8.74 -10.14 9.41
N GLY A 122 8.18 -11.34 9.51
CA GLY A 122 8.36 -12.37 8.50
C GLY A 122 9.56 -13.25 8.76
N ALA A 123 9.58 -14.39 8.07
CA ALA A 123 10.65 -15.38 8.20
C ALA A 123 11.57 -15.30 6.99
N VAL A 124 12.46 -16.29 6.85
CA VAL A 124 13.42 -16.35 5.75
C VAL A 124 13.47 -17.78 5.24
N ARG A 125 13.78 -17.91 3.94
CA ARG A 125 13.82 -19.19 3.25
C ARG A 125 15.18 -19.39 2.58
N PHE A 126 15.73 -20.59 2.73
CA PHE A 126 17.00 -20.98 2.12
C PHE A 126 16.91 -22.40 1.61
N SER A 127 17.37 -22.63 0.39
CA SER A 127 17.42 -23.94 -0.25
C SER A 127 18.12 -23.80 -1.59
N ASN A 128 18.79 -24.87 -2.01
CA ASN A 128 19.42 -24.96 -3.33
C ASN A 128 20.44 -23.85 -3.51
N ASN A 129 21.38 -23.75 -2.56
CA ASN A 129 22.46 -22.78 -2.59
C ASN A 129 23.81 -23.49 -2.55
N PRO A 130 24.21 -24.12 -3.67
CA PRO A 130 25.47 -24.88 -3.68
C PRO A 130 26.68 -23.96 -3.55
N ALA A 131 26.69 -22.88 -4.33
CA ALA A 131 27.84 -21.99 -4.41
C ALA A 131 27.94 -21.07 -3.21
N LEU A 132 26.84 -20.86 -2.49
CA LEU A 132 26.76 -19.90 -1.41
C LEU A 132 27.85 -20.14 -0.37
N CYS A 133 28.55 -19.06 0.01
CA CYS A 133 29.64 -19.10 0.96
C CYS A 133 29.53 -17.92 1.91
N ASN A 134 30.16 -18.05 3.07
CA ASN A 134 30.29 -16.97 4.06
C ASN A 134 28.95 -16.74 4.77
N VAL A 135 27.91 -16.43 4.00
CA VAL A 135 26.57 -16.16 4.56
C VAL A 135 26.17 -17.24 5.57
N GLU A 136 26.57 -18.49 5.31
CA GLU A 136 26.32 -19.62 6.20
C GLU A 136 26.56 -19.26 7.67
N SER A 137 27.64 -18.53 7.95
CA SER A 137 28.10 -18.28 9.30
C SER A 137 27.23 -17.30 10.07
N ILE A 138 26.20 -16.75 9.42
CA ILE A 138 25.37 -15.72 10.04
C ILE A 138 24.53 -16.35 11.14
N GLN A 139 24.66 -15.81 12.36
CA GLN A 139 23.84 -16.19 13.51
C GLN A 139 22.58 -15.34 13.50
N TRP A 140 21.51 -15.89 12.90
CA TRP A 140 20.38 -15.10 12.44
C TRP A 140 19.59 -14.47 13.59
N ARG A 141 19.61 -15.09 14.78
CA ARG A 141 18.72 -14.65 15.87
C ARG A 141 18.85 -13.15 16.12
N ASP A 142 20.07 -12.62 16.00
CA ASP A 142 20.28 -11.18 16.14
C ASP A 142 19.32 -10.42 15.24
N ILE A 143 19.21 -10.85 13.99
CA ILE A 143 18.47 -10.08 12.98
C ILE A 143 16.98 -10.34 13.11
N VAL A 144 16.57 -11.60 12.97
CA VAL A 144 15.15 -11.93 12.84
C VAL A 144 14.48 -11.79 14.21
N SER A 145 13.21 -11.42 14.19
CA SER A 145 12.42 -11.26 15.40
C SER A 145 11.97 -12.61 15.96
N SER A 146 11.97 -12.72 17.30
CA SER A 146 11.74 -13.97 17.99
C SER A 146 10.47 -14.69 17.53
N ASP A 147 9.46 -13.93 17.11
CA ASP A 147 8.12 -14.49 16.86
C ASP A 147 8.12 -15.53 15.75
N PHE A 148 9.11 -15.51 14.86
CA PHE A 148 9.04 -16.21 13.59
C PHE A 148 10.04 -17.36 13.47
N LEU A 149 10.95 -17.52 14.43
CA LEU A 149 12.03 -18.49 14.30
C LEU A 149 11.50 -19.91 14.13
N SER A 150 10.27 -20.17 14.59
CA SER A 150 9.63 -21.45 14.32
C SER A 150 9.26 -21.57 12.85
N ASN A 151 8.76 -20.50 12.25
CA ASN A 151 8.37 -20.50 10.85
C ASN A 151 9.59 -20.51 9.92
N MET A 152 10.74 -20.07 10.41
CA MET A 152 11.96 -20.05 9.61
C MET A 152 12.38 -21.47 9.28
N SER A 153 12.42 -21.78 7.99
CA SER A 153 12.91 -23.06 7.47
C SER A 153 14.03 -22.78 6.47
N MET A 154 15.27 -22.89 6.93
CA MET A 154 16.44 -22.56 6.13
C MET A 154 17.47 -23.67 6.25
N ASP A 155 18.27 -23.84 5.21
CA ASP A 155 19.30 -24.88 5.17
C ASP A 155 20.43 -24.45 4.26
N PHE A 156 21.66 -24.56 4.75
CA PHE A 156 22.87 -24.29 3.98
C PHE A 156 23.42 -25.62 3.47
N GLN A 157 23.23 -25.89 2.18
CA GLN A 157 23.77 -27.08 1.53
C GLN A 157 24.95 -26.64 0.67
N ASN A 158 26.11 -26.50 1.31
CA ASN A 158 27.36 -26.14 0.61
C ASN A 158 27.99 -27.39 0.00
N HIS A 159 27.36 -27.87 -1.08
CA HIS A 159 27.82 -29.09 -1.73
C HIS A 159 29.20 -28.90 -2.34
N LEU A 160 29.40 -27.77 -3.04
CA LEU A 160 30.68 -27.49 -3.69
C LEU A 160 31.84 -27.54 -2.71
N GLY A 161 31.76 -26.74 -1.64
CA GLY A 161 32.83 -26.64 -0.68
C GLY A 161 33.97 -25.72 -1.06
N SER A 162 33.88 -25.04 -2.20
CA SER A 162 34.84 -24.01 -2.60
C SER A 162 34.36 -22.70 -1.98
N CYS A 163 34.85 -22.39 -0.79
CA CYS A 163 34.37 -21.26 -0.03
C CYS A 163 35.52 -20.56 0.68
N GLN A 164 35.28 -19.31 1.03
CA GLN A 164 36.23 -18.48 1.76
C GLN A 164 36.11 -18.74 3.26
N LYS A 165 37.10 -18.25 4.01
CA LYS A 165 37.21 -18.51 5.44
C LYS A 165 37.28 -17.19 6.19
N CYS A 166 36.32 -16.96 7.09
CA CYS A 166 36.18 -15.68 7.78
C CYS A 166 37.47 -15.24 8.45
N ASP A 167 37.74 -13.95 8.37
CA ASP A 167 38.85 -13.35 9.10
C ASP A 167 38.71 -13.69 10.59
N PRO A 168 39.75 -14.27 11.21
CA PRO A 168 39.69 -14.65 12.63
C PRO A 168 39.00 -13.65 13.56
N SER A 169 39.31 -12.36 13.42
CA SER A 169 38.87 -11.37 14.39
C SER A 169 37.36 -11.13 14.37
N CYS A 170 36.66 -11.62 13.35
CA CYS A 170 35.21 -11.49 13.30
C CYS A 170 34.58 -12.05 14.58
N PRO A 171 33.50 -11.43 15.08
CA PRO A 171 32.83 -11.95 16.27
C PRO A 171 32.41 -13.41 16.13
N ASN A 172 33.25 -14.32 16.63
CA ASN A 172 32.93 -15.74 16.74
C ASN A 172 32.62 -16.33 15.36
N GLY A 173 33.54 -16.09 14.43
CA GLY A 173 33.48 -16.69 13.10
C GLY A 173 32.19 -16.45 12.35
N SER A 174 31.54 -15.33 12.57
CA SER A 174 30.37 -14.92 11.81
C SER A 174 30.78 -13.79 10.87
N CYS A 175 30.77 -14.07 9.56
CA CYS A 175 31.19 -13.07 8.59
C CYS A 175 30.34 -13.17 7.34
N TRP A 176 30.10 -12.01 6.72
CA TRP A 176 29.39 -11.94 5.44
C TRP A 176 30.31 -12.24 4.27
N GLY A 177 31.61 -11.98 4.44
CA GLY A 177 32.55 -12.14 3.35
C GLY A 177 33.96 -11.95 3.83
N ALA A 178 34.89 -11.93 2.87
CA ALA A 178 36.29 -11.71 3.17
C ALA A 178 36.51 -10.32 3.75
N GLY A 179 37.54 -10.20 4.60
CA GLY A 179 37.95 -8.92 5.13
C GLY A 179 37.31 -8.61 6.49
N GLU A 180 37.95 -7.68 7.20
CA GLU A 180 37.49 -7.31 8.53
C GLU A 180 36.15 -6.58 8.49
N GLU A 181 35.88 -5.86 7.40
CA GLU A 181 34.64 -5.09 7.31
C GLU A 181 33.43 -6.00 7.19
N ASN A 182 33.58 -7.17 6.57
CA ASN A 182 32.46 -8.05 6.28
C ASN A 182 32.10 -8.94 7.45
N CYS A 183 32.78 -8.81 8.58
CA CYS A 183 32.37 -9.52 9.80
C CYS A 183 30.95 -9.12 10.18
N GLN A 184 30.14 -10.12 10.53
CA GLN A 184 28.73 -9.88 10.85
C GLN A 184 28.60 -8.92 12.02
N LYS A 185 27.86 -7.84 11.80
CA LYS A 185 27.65 -6.80 12.80
C LYS A 185 26.38 -7.12 13.57
N LEU A 186 26.54 -7.52 14.84
CA LEU A 186 25.44 -7.91 15.70
C LEU A 186 25.23 -6.85 16.78
N THR A 187 24.00 -6.36 16.88
CA THR A 187 23.65 -5.30 17.84
C THR A 187 22.49 -5.70 18.74
N LYS A 188 22.05 -6.97 18.70
CA LYS A 188 20.92 -7.46 19.47
C LYS A 188 21.35 -8.38 20.61
N ILE A 189 22.21 -9.36 20.32
CA ILE A 189 22.50 -10.42 21.28
C ILE A 189 23.29 -9.89 22.47
N ILE A 190 24.05 -8.81 22.28
CA ILE A 190 24.96 -8.30 23.30
C ILE A 190 24.26 -7.25 24.16
N CYS A 191 22.94 -7.08 23.96
CA CYS A 191 22.16 -6.19 24.80
C CYS A 191 21.82 -6.93 26.10
N ALA A 192 22.52 -6.56 27.17
CA ALA A 192 22.33 -7.15 28.50
C ALA A 192 20.88 -7.12 28.94
N GLN A 193 20.52 -8.00 29.87
CA GLN A 193 19.15 -8.13 30.39
C GLN A 193 18.44 -6.77 30.47
N GLN A 194 19.09 -5.80 31.12
CA GLN A 194 18.49 -4.49 31.34
C GLN A 194 17.91 -3.92 30.04
N CYS A 195 18.76 -3.79 29.02
CA CYS A 195 18.32 -3.31 27.72
C CYS A 195 17.36 -4.31 27.10
N SER A 196 16.09 -3.92 26.99
CA SER A 196 15.09 -4.74 26.30
C SER A 196 15.21 -4.59 24.79
N GLY A 197 15.46 -3.38 24.32
CA GLY A 197 15.56 -3.10 22.90
C GLY A 197 16.98 -3.21 22.40
N ARG A 198 17.25 -2.50 21.32
CA ARG A 198 18.56 -2.61 20.67
C ARG A 198 19.62 -1.88 21.50
N CYS A 199 20.88 -2.09 21.13
CA CYS A 199 21.97 -1.52 21.89
C CYS A 199 23.18 -1.31 20.99
N ARG A 200 24.08 -0.45 21.45
CA ARG A 200 25.36 -0.20 20.77
C ARG A 200 26.43 -1.15 21.29
N GLY A 201 26.54 -1.28 22.61
CA GLY A 201 27.53 -2.12 23.25
C GLY A 201 26.98 -2.80 24.48
N LYS A 202 27.85 -3.47 25.25
CA LYS A 202 27.39 -4.22 26.41
C LYS A 202 27.23 -3.33 27.63
N SER A 203 28.09 -2.32 27.77
CA SER A 203 28.03 -1.34 28.84
C SER A 203 26.61 -0.81 29.01
N PRO A 204 26.00 -0.97 30.21
CA PRO A 204 24.56 -0.66 30.39
C PRO A 204 24.15 0.73 29.91
N SER A 205 25.10 1.65 29.81
CA SER A 205 24.82 2.98 29.29
C SER A 205 24.20 2.93 27.89
N ASP A 206 24.51 1.90 27.12
CA ASP A 206 24.24 1.86 25.69
C ASP A 206 22.85 1.36 25.36
N CYS A 207 22.00 1.16 26.38
CA CYS A 207 20.58 0.89 26.18
C CYS A 207 19.95 1.87 25.21
N CYS A 208 19.63 1.41 24.00
CA CYS A 208 18.88 2.24 23.07
C CYS A 208 17.41 2.29 23.47
N HIS A 209 16.75 3.37 23.06
CA HIS A 209 15.31 3.50 23.21
C HIS A 209 14.61 2.30 22.57
N ASN A 210 13.50 1.88 23.19
CA ASN A 210 12.70 0.80 22.64
C ASN A 210 12.25 1.11 21.22
N GLN A 211 12.03 2.39 20.90
CA GLN A 211 11.44 2.81 19.64
C GLN A 211 12.42 2.76 18.48
N CYS A 212 13.65 2.32 18.71
CA CYS A 212 14.63 2.16 17.64
C CYS A 212 14.49 0.79 16.98
N ALA A 213 14.87 0.74 15.70
CA ALA A 213 14.76 -0.47 14.89
C ALA A 213 16.16 -1.05 14.66
N ALA A 214 16.99 -0.38 13.87
CA ALA A 214 18.27 -0.93 13.45
C ALA A 214 19.33 -0.79 14.55
N GLY A 215 19.07 0.04 15.55
CA GLY A 215 19.99 0.37 16.61
C GLY A 215 19.94 1.85 16.91
N CYS A 216 20.95 2.36 17.58
CA CYS A 216 20.99 3.78 17.92
C CYS A 216 22.42 4.28 17.97
N THR A 217 22.54 5.60 18.08
CA THR A 217 23.81 6.28 18.30
C THR A 217 23.85 6.96 19.66
N GLY A 218 22.92 6.59 20.55
CA GLY A 218 22.78 7.19 21.85
C GLY A 218 21.42 6.86 22.42
N PRO A 219 21.22 7.14 23.71
CA PRO A 219 19.96 6.73 24.35
C PRO A 219 18.78 7.59 23.97
N ARG A 220 18.98 8.84 23.55
CA ARG A 220 17.88 9.74 23.27
C ARG A 220 16.99 9.22 22.15
N GLU A 221 15.72 9.64 22.18
CA GLU A 221 14.71 9.10 21.29
C GLU A 221 14.95 9.48 19.84
N SER A 222 15.73 10.54 19.60
CA SER A 222 16.00 11.00 18.25
C SER A 222 17.13 10.21 17.60
N ASP A 223 17.96 9.54 18.39
CA ASP A 223 19.23 8.98 17.94
C ASP A 223 19.06 7.64 17.24
N CYS A 224 17.83 7.13 17.17
CA CYS A 224 17.56 5.86 16.51
C CYS A 224 18.05 5.90 15.07
N LEU A 225 18.71 4.82 14.66
CA LEU A 225 19.16 4.68 13.28
C LEU A 225 17.97 4.67 12.33
N VAL A 226 16.95 3.87 12.62
CA VAL A 226 15.74 3.81 11.81
C VAL A 226 14.54 3.82 12.76
N CYS A 227 13.62 4.76 12.53
CA CYS A 227 12.43 4.88 13.36
C CYS A 227 11.49 3.70 13.17
N ARG A 228 11.15 3.05 14.29
CA ARG A 228 10.30 1.86 14.25
C ARG A 228 8.93 2.19 13.65
N LYS A 229 8.17 3.07 14.31
CA LYS A 229 6.77 3.31 13.97
C LYS A 229 6.62 4.61 13.18
N PHE A 230 7.05 5.73 13.74
CA PHE A 230 6.88 7.04 13.13
C PHE A 230 8.21 7.78 13.15
N ARG A 231 8.45 8.56 12.10
CA ARG A 231 9.65 9.38 11.97
C ARG A 231 9.25 10.85 12.01
N ASP A 232 9.06 11.37 13.22
CA ASP A 232 8.78 12.79 13.40
C ASP A 232 10.10 13.55 13.38
N GLU A 233 10.48 14.02 12.19
CA GLU A 233 11.78 14.66 11.93
C GLU A 233 12.88 13.72 12.42
N ALA A 234 13.81 14.18 13.27
CA ALA A 234 14.83 13.30 13.82
C ALA A 234 14.21 12.26 14.75
N THR A 235 13.24 12.67 15.56
CA THR A 235 12.71 11.81 16.60
C THR A 235 11.90 10.66 16.01
N CYS A 236 11.85 9.56 16.75
CA CYS A 236 11.13 8.35 16.34
C CYS A 236 10.06 8.05 17.37
N LYS A 237 8.81 8.20 16.97
CA LYS A 237 7.66 8.20 17.86
C LYS A 237 6.79 6.97 17.63
N ASP A 238 5.92 6.71 18.61
CA ASP A 238 5.01 5.58 18.59
C ASP A 238 3.66 5.97 17.98
N THR A 239 3.07 7.06 18.47
CA THR A 239 1.86 7.63 17.90
C THR A 239 1.86 9.13 18.15
N CYS A 240 1.51 9.88 17.11
CA CYS A 240 1.47 11.33 17.18
C CYS A 240 0.64 11.78 18.39
N PRO A 241 1.17 12.64 19.24
CA PRO A 241 0.34 13.28 20.28
C PRO A 241 -0.96 13.81 19.70
N PRO A 242 -2.10 13.31 20.19
CA PRO A 242 -3.40 13.78 19.68
C PRO A 242 -3.58 15.29 19.71
N LEU A 243 -4.60 15.77 18.99
CA LEU A 243 -4.83 17.21 18.85
C LEU A 243 -4.88 17.91 20.20
N MET A 244 -5.54 17.30 21.19
CA MET A 244 -5.73 17.92 22.49
C MET A 244 -5.41 16.93 23.60
N LEU A 245 -4.70 17.40 24.61
CA LEU A 245 -4.41 16.58 25.78
C LEU A 245 -5.63 16.50 26.71
N TYR A 246 -5.95 15.29 27.14
CA TYR A 246 -6.92 15.12 28.22
C TYR A 246 -6.36 15.67 29.52
N ASN A 247 -7.03 16.66 30.11
CA ASN A 247 -6.63 17.30 31.35
C ASN A 247 -7.06 16.43 32.54
N PRO A 248 -6.11 15.82 33.25
CA PRO A 248 -6.49 15.03 34.45
C PRO A 248 -7.29 15.83 35.47
N THR A 249 -6.93 17.08 35.69
CA THR A 249 -7.52 17.88 36.75
C THR A 249 -9.00 18.16 36.47
N THR A 250 -9.28 18.88 35.39
CA THR A 250 -10.61 19.39 35.10
C THR A 250 -11.49 18.37 34.40
N TYR A 251 -10.91 17.25 33.95
CA TYR A 251 -11.61 16.23 33.16
C TYR A 251 -12.17 16.85 31.89
N GLN A 252 -11.33 17.63 31.21
CA GLN A 252 -11.67 18.30 29.96
C GLN A 252 -10.58 18.03 28.93
N MET A 253 -10.64 18.73 27.79
CA MET A 253 -9.61 18.64 26.76
C MET A 253 -8.97 20.00 26.59
N ASP A 254 -7.63 20.03 26.53
CA ASP A 254 -6.87 21.26 26.38
C ASP A 254 -6.08 21.20 25.08
N VAL A 255 -6.16 22.28 24.29
CA VAL A 255 -5.48 22.33 22.99
C VAL A 255 -3.99 22.08 23.18
N ASN A 256 -3.45 21.16 22.38
CA ASN A 256 -2.08 20.71 22.53
C ASN A 256 -1.23 21.23 21.38
N PRO A 257 -0.21 22.06 21.67
CA PRO A 257 0.75 22.43 20.61
C PRO A 257 1.46 21.22 20.01
N GLU A 258 1.78 20.23 20.85
CA GLU A 258 2.41 19.00 20.36
C GLU A 258 1.49 18.22 19.42
N GLY A 259 0.18 18.44 19.51
CA GLY A 259 -0.80 17.76 18.69
C GLY A 259 -0.46 17.74 17.21
N LYS A 260 -0.46 16.55 16.61
CA LYS A 260 -0.09 16.39 15.21
C LYS A 260 -1.01 15.36 14.55
N TYR A 261 -0.84 15.22 13.25
CA TYR A 261 -1.61 14.29 12.43
C TYR A 261 -0.74 13.13 11.99
N SER A 262 -1.24 11.92 12.21
CA SER A 262 -0.58 10.67 11.82
C SER A 262 -0.88 10.40 10.36
N PHE A 263 0.06 10.74 9.48
CA PHE A 263 -0.03 10.39 8.06
C PHE A 263 1.02 9.32 7.80
N GLY A 264 0.57 8.08 7.62
CA GLY A 264 1.48 6.95 7.47
C GLY A 264 2.47 6.86 8.60
N ALA A 265 3.74 7.08 8.29
CA ALA A 265 4.83 6.98 9.25
C ALA A 265 5.34 8.34 9.69
N THR A 266 4.57 9.41 9.43
CA THR A 266 4.99 10.78 9.69
C THR A 266 3.96 11.50 10.55
N CYS A 267 4.43 12.12 11.62
CA CYS A 267 3.63 13.08 12.37
C CYS A 267 3.82 14.44 11.74
N VAL A 268 2.81 14.93 11.04
CA VAL A 268 2.87 16.21 10.33
C VAL A 268 1.79 17.12 10.88
N LYS A 269 1.83 18.38 10.44
CA LYS A 269 0.83 19.35 10.86
C LYS A 269 -0.23 19.59 9.79
N LYS A 270 -0.14 18.88 8.67
CA LYS A 270 -0.97 19.17 7.50
C LYS A 270 -0.96 17.94 6.60
N CYS A 271 -2.15 17.53 6.16
CA CYS A 271 -2.24 16.40 5.25
C CYS A 271 -2.10 16.86 3.81
N PRO A 272 -1.79 15.95 2.89
CA PRO A 272 -1.98 16.24 1.46
C PRO A 272 -3.44 16.56 1.16
N ARG A 273 -3.65 17.64 0.39
CA ARG A 273 -4.97 18.22 0.14
C ARG A 273 -6.05 17.15 -0.05
N ASN A 274 -5.80 16.23 -0.98
CA ASN A 274 -6.82 15.26 -1.39
C ASN A 274 -7.24 14.35 -0.24
N TYR A 275 -6.36 14.14 0.75
CA TYR A 275 -6.60 13.13 1.78
C TYR A 275 -7.60 13.62 2.82
N VAL A 276 -8.32 12.66 3.40
CA VAL A 276 -9.42 12.94 4.31
C VAL A 276 -8.87 13.22 5.71
N VAL A 277 -9.36 14.30 6.32
CA VAL A 277 -8.95 14.68 7.67
C VAL A 277 -10.08 14.35 8.63
N THR A 278 -9.77 13.54 9.64
CA THR A 278 -10.72 13.17 10.69
C THR A 278 -10.65 14.12 11.86
N ASP A 279 -11.79 14.24 12.58
CA ASP A 279 -11.77 14.97 13.85
C ASP A 279 -10.85 14.28 14.84
N HIS A 280 -10.58 12.99 14.64
CA HIS A 280 -9.63 12.26 15.48
C HIS A 280 -8.25 12.91 15.39
N GLY A 281 -7.87 13.36 14.21
CA GLY A 281 -6.59 14.00 13.98
C GLY A 281 -5.57 13.14 13.28
N SER A 282 -6.01 12.27 12.37
CA SER A 282 -5.13 11.44 11.56
C SER A 282 -5.57 11.54 10.11
N CYS A 283 -4.61 11.73 9.20
CA CYS A 283 -4.93 11.78 7.78
C CYS A 283 -5.28 10.39 7.27
N VAL A 284 -6.51 10.24 6.77
CA VAL A 284 -7.04 8.94 6.36
C VAL A 284 -7.47 9.02 4.90
N ARG A 285 -7.86 7.86 4.37
CA ARG A 285 -8.10 7.70 2.94
C ARG A 285 -9.55 7.44 2.56
N ALA A 286 -10.38 6.97 3.49
CA ALA A 286 -11.78 6.69 3.19
C ALA A 286 -12.55 6.48 4.49
N CYS A 287 -13.85 6.76 4.44
CA CYS A 287 -14.73 6.53 5.58
C CYS A 287 -15.20 5.08 5.59
N GLY A 288 -15.42 4.55 6.79
CA GLY A 288 -15.99 3.24 6.96
C GLY A 288 -17.50 3.23 6.81
N ALA A 289 -18.09 2.09 7.16
CA ALA A 289 -19.55 1.94 7.09
C ALA A 289 -20.27 2.97 7.95
N ASP A 290 -19.60 3.46 9.00
CA ASP A 290 -20.22 4.40 9.94
C ASP A 290 -20.79 5.62 9.23
N SER A 291 -20.03 6.20 8.31
CA SER A 291 -20.38 7.49 7.74
C SER A 291 -19.83 7.59 6.32
N TYR A 292 -20.24 8.66 5.64
CA TYR A 292 -19.75 8.98 4.30
C TYR A 292 -18.86 10.22 4.34
N GLU A 293 -18.41 10.64 3.17
CA GLU A 293 -17.53 11.80 3.03
C GLU A 293 -18.34 13.08 3.08
N MET A 294 -18.36 13.72 4.25
CA MET A 294 -19.03 15.01 4.44
C MET A 294 -18.06 16.13 4.08
N GLU A 295 -18.39 16.88 3.04
CA GLU A 295 -17.63 18.06 2.68
C GLU A 295 -17.75 19.12 3.77
N GLU A 296 -16.63 19.44 4.40
CA GLU A 296 -16.59 20.35 5.55
C GLU A 296 -15.61 21.48 5.25
N ASP A 297 -16.08 22.47 4.49
CA ASP A 297 -15.30 23.67 4.14
C ASP A 297 -14.09 23.31 3.27
N GLY A 298 -14.31 22.43 2.30
CA GLY A 298 -13.31 22.12 1.30
C GLY A 298 -12.32 21.05 1.71
N VAL A 299 -12.66 20.23 2.69
CA VAL A 299 -11.87 19.07 3.09
C VAL A 299 -12.84 17.96 3.45
N ARG A 300 -12.43 16.72 3.19
CA ARG A 300 -13.29 15.58 3.43
C ARG A 300 -13.27 15.24 4.91
N LYS A 301 -14.46 15.06 5.50
CA LYS A 301 -14.59 14.68 6.89
C LYS A 301 -15.67 13.62 7.01
N CYS A 302 -15.37 12.56 7.77
CA CYS A 302 -16.31 11.45 7.97
C CYS A 302 -17.28 11.76 9.11
N LYS A 303 -18.07 12.81 8.90
CA LYS A 303 -19.14 13.14 9.83
C LYS A 303 -20.20 12.04 9.84
N LYS A 304 -20.60 11.62 11.04
CA LYS A 304 -21.50 10.48 11.20
C LYS A 304 -22.77 10.66 10.38
N CYS A 305 -23.17 9.58 9.72
CA CYS A 305 -24.35 9.57 8.87
C CYS A 305 -25.53 8.96 9.62
N GLU A 306 -26.64 9.70 9.66
CA GLU A 306 -27.83 9.28 10.40
C GLU A 306 -28.68 8.35 9.55
N GLY A 307 -29.15 7.26 10.16
CA GLY A 307 -29.95 6.25 9.50
C GLY A 307 -29.28 5.69 8.25
N PRO A 308 -29.98 5.73 7.12
CA PRO A 308 -29.38 5.19 5.89
C PRO A 308 -28.13 5.97 5.51
N CYS A 309 -27.10 5.25 5.09
CA CYS A 309 -25.84 5.84 4.69
C CYS A 309 -25.63 5.67 3.18
N ARG A 310 -24.91 6.62 2.60
CA ARG A 310 -24.48 6.49 1.21
C ARG A 310 -23.63 5.24 1.02
N LYS A 311 -22.79 4.93 2.01
CA LYS A 311 -21.95 3.73 2.06
C LYS A 311 -20.80 3.82 1.06
N VAL A 312 -20.01 2.75 0.97
CA VAL A 312 -18.86 2.72 0.06
C VAL A 312 -18.80 1.36 -0.63
N CYS A 313 -18.72 1.37 -1.95
CA CYS A 313 -18.66 0.15 -2.76
C CYS A 313 -17.19 -0.19 -2.99
N ASN A 314 -16.72 -1.25 -2.34
CA ASN A 314 -15.33 -1.67 -2.40
C ASN A 314 -14.85 -1.84 -3.84
N GLY A 315 -14.00 -0.92 -4.29
CA GLY A 315 -13.40 -1.02 -5.60
C GLY A 315 -12.62 -2.31 -5.78
N ILE A 316 -12.42 -2.65 -7.07
CA ILE A 316 -11.84 -3.94 -7.42
C ILE A 316 -10.41 -4.03 -6.90
N GLY A 317 -10.06 -5.22 -6.40
CA GLY A 317 -8.76 -5.45 -5.80
C GLY A 317 -8.60 -4.78 -4.45
N ILE A 318 -9.66 -4.78 -3.64
CA ILE A 318 -9.65 -4.15 -2.33
C ILE A 318 -10.84 -4.71 -1.56
N GLY A 319 -10.68 -4.86 -0.24
CA GLY A 319 -11.76 -5.31 0.62
C GLY A 319 -12.52 -6.51 0.08
N GLU A 320 -13.80 -6.33 -0.23
CA GLU A 320 -14.69 -7.44 -0.52
C GLU A 320 -14.58 -7.92 -1.97
N PHE A 321 -13.72 -7.30 -2.76
CA PHE A 321 -13.43 -7.70 -4.13
C PHE A 321 -11.93 -7.76 -4.36
N LYS A 322 -11.18 -8.24 -3.36
CA LYS A 322 -9.73 -8.36 -3.48
C LYS A 322 -9.36 -9.61 -4.29
N ASP A 323 -10.10 -10.70 -4.09
CA ASP A 323 -9.92 -11.90 -4.91
C ASP A 323 -9.93 -11.54 -6.40
N SER A 324 -11.03 -10.97 -6.85
CA SER A 324 -11.16 -10.52 -8.24
C SER A 324 -10.07 -9.51 -8.59
N LEU A 325 -9.44 -9.73 -9.75
CA LEU A 325 -8.37 -8.87 -10.24
C LEU A 325 -8.81 -8.09 -11.47
N SER A 326 -10.11 -8.11 -11.78
CA SER A 326 -10.71 -7.31 -12.84
C SER A 326 -12.24 -7.43 -12.73
N ILE A 327 -12.94 -6.31 -12.84
CA ILE A 327 -14.40 -6.31 -12.81
C ILE A 327 -14.93 -7.17 -13.96
N ASN A 328 -15.65 -8.22 -13.61
CA ASN A 328 -16.19 -9.16 -14.60
C ASN A 328 -17.70 -9.31 -14.39
N ALA A 329 -18.31 -10.26 -15.12
CA ALA A 329 -19.75 -10.49 -15.00
C ALA A 329 -20.19 -10.71 -13.57
N THR A 330 -19.33 -11.32 -12.75
CA THR A 330 -19.72 -11.70 -11.38
C THR A 330 -19.80 -10.47 -10.49
N ASN A 331 -18.66 -9.81 -10.26
CA ASN A 331 -18.58 -8.78 -9.22
C ASN A 331 -19.39 -7.55 -9.58
N ILE A 332 -19.57 -7.28 -10.89
CA ILE A 332 -20.26 -6.07 -11.33
C ILE A 332 -21.68 -5.99 -10.76
N LYS A 333 -22.28 -7.15 -10.47
CA LYS A 333 -23.64 -7.21 -9.91
C LYS A 333 -23.81 -6.23 -8.76
N HIS A 334 -22.85 -6.21 -7.83
CA HIS A 334 -22.96 -5.44 -6.59
C HIS A 334 -22.49 -4.00 -6.81
N PHE A 335 -23.22 -3.30 -7.67
CA PHE A 335 -22.99 -1.88 -7.93
C PHE A 335 -24.31 -1.17 -8.24
N LYS A 336 -25.34 -1.49 -7.46
CA LYS A 336 -26.69 -0.99 -7.74
C LYS A 336 -26.78 0.52 -7.54
N ASN A 337 -26.45 1.00 -6.36
CA ASN A 337 -26.65 2.39 -5.93
C ASN A 337 -25.37 2.93 -5.33
N CYS A 338 -24.27 2.74 -6.05
CA CYS A 338 -22.94 3.16 -5.60
C CYS A 338 -22.74 4.66 -5.85
N THR A 339 -22.49 5.39 -4.77
CA THR A 339 -22.17 6.82 -4.83
C THR A 339 -20.70 7.09 -4.56
N SER A 340 -20.08 6.32 -3.68
CA SER A 340 -18.66 6.43 -3.36
C SER A 340 -18.00 5.08 -3.62
N ILE A 341 -17.00 5.07 -4.50
CA ILE A 341 -16.24 3.87 -4.83
C ILE A 341 -14.96 3.89 -4.00
N SER A 342 -14.95 3.10 -2.92
CA SER A 342 -13.78 2.98 -2.04
C SER A 342 -12.82 1.93 -2.59
N GLY A 343 -12.15 2.31 -3.66
CA GLY A 343 -11.14 1.44 -4.25
C GLY A 343 -10.88 1.81 -5.71
N ASP A 344 -10.42 0.82 -6.46
CA ASP A 344 -9.97 1.02 -7.83
C ASP A 344 -10.95 0.35 -8.81
N LEU A 345 -10.69 0.56 -10.09
CA LEU A 345 -11.50 -0.02 -11.17
C LEU A 345 -10.57 -0.59 -12.24
N HIS A 346 -10.54 -1.91 -12.36
CA HIS A 346 -9.72 -2.63 -13.34
C HIS A 346 -10.64 -3.20 -14.40
N ILE A 347 -10.52 -2.70 -15.64
CA ILE A 347 -11.26 -3.23 -16.78
C ILE A 347 -10.26 -3.92 -17.69
N LEU A 348 -10.12 -5.23 -17.54
CA LEU A 348 -9.19 -6.06 -18.29
C LEU A 348 -9.89 -6.78 -19.43
N PRO A 349 -9.14 -7.20 -20.46
CA PRO A 349 -9.77 -7.91 -21.60
C PRO A 349 -10.54 -9.15 -21.18
N VAL A 350 -9.98 -9.97 -20.29
CA VAL A 350 -10.55 -11.28 -19.95
C VAL A 350 -11.99 -11.15 -19.45
N ALA A 351 -12.34 -10.02 -18.84
CA ALA A 351 -13.70 -9.80 -18.35
C ALA A 351 -14.73 -9.97 -19.46
N PHE A 352 -14.45 -9.45 -20.65
CA PHE A 352 -15.44 -9.41 -21.72
C PHE A 352 -15.56 -10.77 -22.42
N ARG A 353 -14.42 -11.38 -22.75
CA ARG A 353 -14.43 -12.68 -23.41
C ARG A 353 -14.73 -13.82 -22.45
N GLY A 354 -14.55 -13.60 -21.15
CA GLY A 354 -14.76 -14.62 -20.15
C GLY A 354 -13.55 -15.49 -19.94
N ASP A 355 -13.34 -15.93 -18.70
CA ASP A 355 -12.16 -16.71 -18.31
C ASP A 355 -12.56 -18.15 -18.04
N SER A 356 -12.01 -19.06 -18.83
CA SER A 356 -12.19 -20.49 -18.56
C SER A 356 -11.63 -20.85 -17.18
N PHE A 357 -10.46 -20.31 -16.83
CA PHE A 357 -9.74 -20.72 -15.63
C PHE A 357 -10.56 -20.43 -14.38
N THR A 358 -11.10 -19.22 -14.27
CA THR A 358 -11.86 -18.78 -13.10
C THR A 358 -13.36 -18.98 -13.26
N HIS A 359 -13.81 -19.48 -14.42
CA HIS A 359 -15.23 -19.76 -14.67
C HIS A 359 -16.11 -18.52 -14.51
N THR A 360 -15.70 -17.43 -15.14
CA THR A 360 -16.41 -16.17 -15.08
C THR A 360 -17.13 -15.91 -16.40
N PRO A 361 -18.43 -15.64 -16.36
CA PRO A 361 -19.17 -15.45 -17.60
C PRO A 361 -18.68 -14.24 -18.36
N PRO A 362 -18.85 -14.22 -19.69
CA PRO A 362 -18.53 -13.02 -20.47
C PRO A 362 -19.32 -11.80 -20.02
N LEU A 363 -18.61 -10.69 -19.83
CA LEU A 363 -19.24 -9.43 -19.47
C LEU A 363 -20.09 -8.92 -20.63
N ASP A 364 -21.37 -8.73 -20.38
CA ASP A 364 -22.29 -8.28 -21.42
C ASP A 364 -22.09 -6.79 -21.71
N PRO A 365 -21.75 -6.41 -22.95
CA PRO A 365 -21.70 -4.98 -23.31
C PRO A 365 -22.90 -4.17 -22.88
N GLN A 366 -24.09 -4.80 -22.80
CA GLN A 366 -25.30 -4.08 -22.41
C GLN A 366 -25.27 -3.67 -20.94
N GLU A 367 -24.46 -4.34 -20.12
CA GLU A 367 -24.43 -4.12 -18.68
C GLU A 367 -23.56 -2.93 -18.29
N LEU A 368 -23.07 -2.16 -19.26
CA LEU A 368 -22.26 -0.98 -18.98
C LEU A 368 -23.08 0.18 -18.40
N ASP A 369 -24.40 0.04 -18.34
CA ASP A 369 -25.25 1.10 -17.82
C ASP A 369 -25.09 1.26 -16.32
N ILE A 370 -24.75 0.17 -15.63
CA ILE A 370 -24.59 0.15 -14.17
C ILE A 370 -23.71 1.29 -13.71
N LEU A 371 -22.75 1.70 -14.55
CA LEU A 371 -21.71 2.64 -14.15
C LEU A 371 -22.24 4.06 -14.05
N LYS A 372 -23.45 4.32 -14.55
CA LYS A 372 -24.03 5.66 -14.47
C LYS A 372 -24.20 6.11 -13.02
N THR A 373 -24.48 5.16 -12.12
CA THR A 373 -24.69 5.49 -10.72
C THR A 373 -23.42 6.05 -10.09
N VAL A 374 -22.26 5.49 -10.47
CA VAL A 374 -20.98 5.88 -9.89
C VAL A 374 -20.73 7.36 -10.14
N LYS A 375 -20.40 8.09 -9.07
CA LYS A 375 -20.17 9.53 -9.10
C LYS A 375 -18.72 9.91 -8.80
N GLU A 376 -18.01 9.12 -7.99
CA GLU A 376 -16.66 9.47 -7.59
C GLU A 376 -15.88 8.18 -7.36
N ILE A 377 -14.55 8.29 -7.42
CA ILE A 377 -13.66 7.16 -7.16
C ILE A 377 -12.53 7.62 -6.26
N THR A 378 -12.38 6.97 -5.11
CA THR A 378 -11.27 7.28 -4.20
C THR A 378 -9.93 7.07 -4.88
N GLY A 379 -9.78 5.97 -5.61
CA GLY A 379 -8.52 5.58 -6.23
C GLY A 379 -8.47 5.91 -7.71
N PHE A 380 -7.83 5.04 -8.47
CA PHE A 380 -7.53 5.29 -9.87
C PHE A 380 -8.47 4.47 -10.78
N LEU A 381 -8.29 4.64 -12.09
CA LEU A 381 -9.10 3.93 -13.08
C LEU A 381 -8.21 3.37 -14.17
N LEU A 382 -8.43 2.11 -14.53
CA LEU A 382 -7.71 1.40 -15.57
C LEU A 382 -8.72 0.80 -16.52
N ILE A 383 -8.60 1.10 -17.81
CA ILE A 383 -9.50 0.56 -18.84
C ILE A 383 -8.65 0.04 -19.99
N GLN A 384 -8.62 -1.28 -20.15
CA GLN A 384 -7.82 -1.96 -21.18
C GLN A 384 -8.69 -2.74 -22.15
N ALA A 385 -10.00 -2.49 -22.16
CA ALA A 385 -10.92 -3.18 -23.05
C ALA A 385 -12.23 -2.40 -23.10
N TRP A 386 -12.89 -2.45 -24.26
CA TRP A 386 -14.18 -1.81 -24.44
C TRP A 386 -14.96 -2.53 -25.52
N PRO A 387 -16.27 -2.72 -25.34
CA PRO A 387 -17.06 -3.48 -26.31
C PRO A 387 -17.08 -2.84 -27.69
N GLU A 388 -17.12 -3.70 -28.71
CA GLU A 388 -17.29 -3.26 -30.09
C GLU A 388 -18.55 -2.41 -30.25
N ASN A 389 -19.66 -2.84 -29.63
CA ASN A 389 -20.96 -2.19 -29.79
C ASN A 389 -20.86 -0.67 -29.67
N ARG A 390 -20.27 -0.19 -28.58
CA ARG A 390 -20.23 1.24 -28.29
C ARG A 390 -18.85 1.82 -28.57
N THR A 391 -18.84 3.00 -29.18
CA THR A 391 -17.63 3.77 -29.41
C THR A 391 -17.48 4.93 -28.42
N ASP A 392 -18.59 5.48 -27.96
CA ASP A 392 -18.61 6.57 -27.00
C ASP A 392 -18.63 5.98 -25.59
N LEU A 393 -18.05 6.73 -24.64
CA LEU A 393 -18.02 6.28 -23.24
C LEU A 393 -19.23 6.82 -22.48
N HIS A 394 -20.40 6.39 -22.96
CA HIS A 394 -21.67 6.70 -22.28
C HIS A 394 -21.59 6.34 -20.79
N ALA A 395 -21.00 5.19 -20.47
CA ALA A 395 -21.03 4.64 -19.12
C ALA A 395 -20.62 5.67 -18.07
N PHE A 396 -19.72 6.58 -18.42
CA PHE A 396 -19.13 7.52 -17.47
C PHE A 396 -19.67 8.94 -17.67
N GLU A 397 -20.88 9.03 -18.23
CA GLU A 397 -21.54 10.33 -18.42
C GLU A 397 -21.51 11.16 -17.15
N ASN A 398 -21.84 10.54 -16.02
CA ASN A 398 -22.01 11.23 -14.75
C ASN A 398 -20.87 10.93 -13.78
N LEU A 399 -19.71 10.58 -14.32
CA LEU A 399 -18.50 10.45 -13.51
C LEU A 399 -17.88 11.83 -13.33
N GLU A 400 -17.82 12.28 -12.07
CA GLU A 400 -17.50 13.67 -11.74
C GLU A 400 -16.02 13.85 -11.38
N ILE A 401 -15.57 13.20 -10.30
CA ILE A 401 -14.25 13.43 -9.75
C ILE A 401 -13.56 12.08 -9.58
N ILE A 402 -12.25 12.06 -9.78
CA ILE A 402 -11.41 10.92 -9.45
C ILE A 402 -10.43 11.37 -8.37
N ARG A 403 -10.69 10.95 -7.12
CA ARG A 403 -9.86 11.37 -6.00
C ARG A 403 -8.43 10.88 -6.16
N GLY A 404 -8.27 9.63 -6.56
CA GLY A 404 -6.96 9.06 -6.85
C GLY A 404 -5.97 9.17 -5.71
N ARG A 405 -6.45 8.97 -4.48
CA ARG A 405 -5.55 8.91 -3.33
C ARG A 405 -4.56 7.76 -3.49
N THR A 406 -5.07 6.58 -3.86
CA THR A 406 -4.26 5.45 -4.27
C THR A 406 -4.11 5.47 -5.78
N LYS A 407 -2.86 5.42 -6.25
CA LYS A 407 -2.57 5.45 -7.68
C LYS A 407 -1.90 4.14 -8.10
N GLN A 408 -2.13 3.75 -9.34
CA GLN A 408 -1.44 2.60 -9.91
C GLN A 408 0.04 2.94 -10.05
N HIS A 409 0.88 2.21 -9.31
CA HIS A 409 2.31 2.47 -9.22
C HIS A 409 2.58 3.88 -8.68
N GLY A 410 1.71 4.33 -7.78
CA GLY A 410 1.80 5.63 -7.14
C GLY A 410 2.05 6.79 -8.08
N GLN A 411 1.70 6.62 -9.36
CA GLN A 411 2.09 7.58 -10.37
C GLN A 411 0.92 8.06 -11.21
N PHE A 412 -0.08 7.21 -11.43
CA PHE A 412 -1.15 7.49 -12.38
C PHE A 412 -2.52 7.22 -11.77
N SER A 413 -3.40 8.21 -11.88
CA SER A 413 -4.79 8.11 -11.43
C SER A 413 -5.73 7.59 -12.52
N LEU A 414 -5.27 7.56 -13.78
CA LEU A 414 -6.09 7.11 -14.90
C LEU A 414 -5.20 6.52 -15.97
N ALA A 415 -5.74 5.51 -16.67
CA ALA A 415 -5.02 4.86 -17.75
C ALA A 415 -6.03 4.27 -18.73
N VAL A 416 -5.97 4.75 -19.97
CA VAL A 416 -6.78 4.26 -21.09
C VAL A 416 -5.84 3.98 -22.25
N VAL A 417 -5.67 2.70 -22.59
CA VAL A 417 -4.72 2.29 -23.61
C VAL A 417 -5.29 1.12 -24.41
N SER A 418 -4.80 0.99 -25.64
CA SER A 418 -5.14 -0.13 -26.54
C SER A 418 -6.65 -0.29 -26.71
N LEU A 419 -7.35 0.83 -26.83
CA LEU A 419 -8.80 0.82 -26.99
C LEU A 419 -9.21 1.10 -28.43
N ASN A 420 -10.48 0.83 -28.71
CA ASN A 420 -11.07 1.00 -30.03
C ASN A 420 -11.98 2.22 -30.07
N ILE A 421 -12.08 2.95 -28.96
CA ILE A 421 -13.00 4.06 -28.83
C ILE A 421 -12.55 5.23 -29.70
N THR A 422 -13.51 6.04 -30.12
CA THR A 422 -13.28 7.19 -30.99
C THR A 422 -13.47 8.52 -30.30
N SER A 423 -14.45 8.64 -29.40
CA SER A 423 -14.75 9.88 -28.72
C SER A 423 -14.73 9.65 -27.22
N LEU A 424 -14.21 10.64 -26.49
CA LEU A 424 -14.07 10.49 -25.04
C LEU A 424 -15.42 10.53 -24.34
N GLY A 425 -16.26 11.52 -24.66
CA GLY A 425 -17.60 11.62 -24.13
C GLY A 425 -17.70 11.54 -22.63
N LEU A 426 -16.86 12.31 -21.93
CA LEU A 426 -16.90 12.43 -20.48
C LEU A 426 -17.33 13.85 -20.13
N ARG A 427 -18.63 14.05 -19.96
CA ARG A 427 -19.22 15.39 -19.94
C ARG A 427 -19.62 15.82 -18.53
N SER A 428 -19.15 15.12 -17.50
CA SER A 428 -19.27 15.56 -16.12
C SER A 428 -17.92 15.54 -15.41
N LEU A 429 -16.86 15.10 -16.07
CA LEU A 429 -15.53 14.98 -15.48
C LEU A 429 -14.88 16.36 -15.45
N LYS A 430 -14.77 16.94 -14.25
CA LYS A 430 -14.35 18.33 -14.10
C LYS A 430 -13.24 18.50 -13.06
N GLU A 431 -12.72 17.42 -12.48
CA GLU A 431 -11.68 17.53 -11.48
C GLU A 431 -10.98 16.18 -11.34
N ILE A 432 -9.66 16.23 -11.24
CA ILE A 432 -8.84 15.12 -10.77
C ILE A 432 -7.98 15.66 -9.63
N SER A 433 -8.42 15.44 -8.39
CA SER A 433 -7.75 15.98 -7.21
C SER A 433 -6.24 15.80 -7.27
N ASP A 434 -5.78 14.58 -7.53
CA ASP A 434 -4.35 14.31 -7.66
C ASP A 434 -4.16 13.13 -8.60
N GLY A 435 -2.92 12.94 -9.02
CA GLY A 435 -2.53 11.82 -9.87
C GLY A 435 -2.42 12.21 -11.32
N ASP A 436 -1.50 11.55 -12.02
CA ASP A 436 -1.16 11.90 -13.39
C ASP A 436 -2.14 11.26 -14.37
N VAL A 437 -2.16 11.80 -15.59
CA VAL A 437 -3.03 11.35 -16.66
C VAL A 437 -2.15 10.87 -17.82
N ILE A 438 -2.33 9.62 -18.22
CA ILE A 438 -1.60 9.01 -19.33
C ILE A 438 -2.62 8.47 -20.32
N ILE A 439 -2.60 9.03 -21.53
CA ILE A 439 -3.45 8.60 -22.64
C ILE A 439 -2.54 8.20 -23.80
N SER A 440 -2.51 6.91 -24.11
CA SER A 440 -1.60 6.40 -25.13
C SER A 440 -2.18 5.13 -25.74
N GLY A 441 -1.63 4.78 -26.91
CA GLY A 441 -1.97 3.52 -27.55
C GLY A 441 -3.39 3.45 -28.08
N ASN A 442 -4.04 4.59 -28.29
CA ASN A 442 -5.38 4.65 -28.86
C ASN A 442 -5.30 4.88 -30.37
N LYS A 443 -5.81 3.92 -31.13
CA LYS A 443 -5.63 3.92 -32.58
C LYS A 443 -6.31 5.14 -33.23
N ASN A 444 -7.60 5.31 -32.98
CA ASN A 444 -8.45 6.28 -33.67
C ASN A 444 -9.19 7.15 -32.67
N LEU A 445 -8.51 7.56 -31.62
CA LEU A 445 -9.09 8.43 -30.57
C LEU A 445 -8.62 9.86 -30.81
N CYS A 446 -9.54 10.71 -31.28
CA CYS A 446 -9.30 12.13 -31.39
C CYS A 446 -9.63 12.79 -30.07
N TYR A 447 -9.65 14.13 -30.03
CA TYR A 447 -10.04 14.94 -28.88
C TYR A 447 -9.07 14.77 -27.71
N ALA A 448 -8.00 13.99 -27.89
CA ALA A 448 -7.12 13.62 -26.79
C ALA A 448 -6.36 14.81 -26.25
N ASN A 449 -5.59 15.48 -27.11
CA ASN A 449 -4.67 16.54 -26.71
C ASN A 449 -5.22 17.92 -27.03
N THR A 450 -6.44 18.15 -26.53
CA THR A 450 -7.16 19.40 -26.72
C THR A 450 -7.54 20.08 -25.41
N ILE A 451 -7.50 19.35 -24.29
CA ILE A 451 -8.02 19.84 -23.01
C ILE A 451 -6.94 20.69 -22.34
N ASN A 452 -7.37 21.70 -21.58
CA ASN A 452 -6.50 22.50 -20.73
C ASN A 452 -6.38 21.82 -19.38
N TRP A 453 -5.30 21.05 -19.20
CA TRP A 453 -5.16 20.19 -18.03
C TRP A 453 -4.80 20.99 -16.78
N LYS A 454 -4.07 22.10 -16.93
CA LYS A 454 -3.64 22.90 -15.80
C LYS A 454 -4.82 23.29 -14.91
N LYS A 455 -5.99 23.53 -15.52
CA LYS A 455 -7.19 23.84 -14.75
C LYS A 455 -7.60 22.65 -13.89
N LEU A 456 -7.59 21.45 -14.48
CA LEU A 456 -8.11 20.27 -13.81
C LEU A 456 -7.17 19.76 -12.73
N PHE A 457 -5.89 20.11 -12.79
CA PHE A 457 -4.91 19.68 -11.80
C PHE A 457 -4.86 20.69 -10.66
N GLY A 458 -4.88 20.18 -9.43
CA GLY A 458 -4.91 21.00 -8.23
C GLY A 458 -3.68 20.89 -7.35
N THR A 459 -2.80 19.94 -7.66
CA THR A 459 -1.68 19.60 -6.80
C THR A 459 -0.37 19.72 -7.58
N SER A 460 0.70 20.05 -6.86
CA SER A 460 2.02 20.18 -7.45
C SER A 460 2.56 18.81 -7.85
N GLY A 461 2.91 18.65 -9.13
CA GLY A 461 3.53 17.45 -9.63
C GLY A 461 2.64 16.58 -10.48
N GLN A 462 1.42 17.03 -10.78
CA GLN A 462 0.51 16.32 -11.67
C GLN A 462 0.98 16.52 -13.10
N LYS A 463 1.51 15.47 -13.72
CA LYS A 463 2.02 15.51 -15.07
C LYS A 463 0.97 14.97 -16.06
N THR A 464 1.28 15.10 -17.35
CA THR A 464 0.42 14.61 -18.40
C THR A 464 1.25 13.96 -19.51
N LYS A 465 0.88 12.74 -19.89
CA LYS A 465 1.56 12.01 -20.94
C LYS A 465 0.49 11.53 -21.92
N ILE A 466 0.29 12.26 -23.01
CA ILE A 466 -0.70 11.92 -24.04
C ILE A 466 0.06 11.78 -25.35
N ILE A 467 0.31 10.53 -25.75
CA ILE A 467 1.11 10.24 -26.94
C ILE A 467 0.48 9.09 -27.72
N SER A 468 0.89 8.99 -28.99
CA SER A 468 0.45 7.93 -29.89
C SER A 468 -1.08 7.87 -30.00
N ASN A 469 -1.71 9.05 -30.01
CA ASN A 469 -3.13 9.20 -30.27
C ASN A 469 -3.32 9.83 -31.63
N ARG A 470 -4.51 9.59 -32.21
CA ARG A 470 -4.82 10.04 -33.56
C ARG A 470 -4.40 11.48 -33.78
N GLY A 471 -3.50 11.67 -34.76
CA GLY A 471 -3.00 13.00 -35.04
C GLY A 471 -4.08 13.96 -35.51
N GLU A 472 -3.93 15.22 -35.11
CA GLU A 472 -4.88 16.26 -35.52
C GLU A 472 -4.94 16.40 -37.03
N ASN A 473 -3.83 16.11 -37.73
CA ASN A 473 -3.80 16.05 -39.18
C ASN A 473 -5.01 15.28 -39.72
N SER A 474 -5.20 14.06 -39.24
CA SER A 474 -6.28 13.20 -39.70
C SER A 474 -7.62 13.66 -39.12
N CYS A 475 -7.66 13.93 -37.82
CA CYS A 475 -8.92 14.27 -37.16
C CYS A 475 -9.58 15.48 -37.81
N LYS A 476 -8.80 16.53 -38.08
CA LYS A 476 -9.36 17.78 -38.62
C LYS A 476 -9.95 17.56 -40.01
N ALA A 477 -9.36 16.66 -40.81
CA ALA A 477 -9.86 16.40 -42.15
C ALA A 477 -11.31 15.92 -42.09
N THR A 478 -11.62 15.02 -41.17
CA THR A 478 -12.94 14.41 -41.03
C THR A 478 -13.78 15.15 -40.00
N GLY A 479 -13.33 16.32 -39.56
CA GLY A 479 -14.06 17.16 -38.63
C GLY A 479 -14.25 16.59 -37.24
N GLN A 480 -13.22 15.96 -36.70
CA GLN A 480 -13.25 15.42 -35.34
C GLN A 480 -12.42 16.31 -34.40
N VAL A 481 -12.72 17.60 -34.45
CA VAL A 481 -12.10 18.59 -33.57
C VAL A 481 -13.21 19.34 -32.83
N CYS A 482 -12.79 20.19 -31.88
CA CYS A 482 -13.70 20.95 -31.04
C CYS A 482 -14.75 21.68 -31.87
N HIS A 483 -16.02 21.35 -31.61
CA HIS A 483 -17.15 21.95 -32.31
C HIS A 483 -17.17 23.46 -32.12
N ALA A 484 -17.84 24.14 -33.06
CA ALA A 484 -17.94 25.59 -33.05
C ALA A 484 -18.32 26.11 -31.66
N LEU A 485 -19.17 25.38 -30.95
CA LEU A 485 -19.74 25.85 -29.70
C LEU A 485 -18.82 25.58 -28.51
N CYS A 486 -17.92 24.61 -28.63
CA CYS A 486 -16.95 24.36 -27.58
C CYS A 486 -15.90 25.47 -27.55
N SER A 487 -15.66 26.01 -26.35
CA SER A 487 -14.58 26.96 -26.15
C SER A 487 -13.23 26.33 -26.50
N PRO A 488 -12.23 27.14 -26.86
CA PRO A 488 -10.90 26.60 -27.15
C PRO A 488 -10.27 25.88 -25.97
N GLU A 489 -10.74 26.14 -24.75
CA GLU A 489 -10.16 25.54 -23.55
C GLU A 489 -10.03 24.02 -23.69
N GLY A 490 -11.10 23.37 -24.12
CA GLY A 490 -11.07 21.93 -24.29
C GLY A 490 -12.42 21.43 -24.76
N CYS A 491 -12.40 20.21 -25.30
CA CYS A 491 -13.62 19.56 -25.78
C CYS A 491 -13.42 18.05 -25.74
N TRP A 492 -14.46 17.35 -25.31
CA TRP A 492 -14.40 15.90 -25.12
C TRP A 492 -14.83 15.14 -26.37
N GLY A 493 -15.41 15.82 -27.35
CA GLY A 493 -15.94 15.17 -28.53
C GLY A 493 -16.47 16.17 -29.54
N PRO A 494 -17.09 15.68 -30.61
CA PRO A 494 -17.60 16.59 -31.65
C PRO A 494 -18.95 17.19 -31.31
N GLU A 495 -19.66 16.61 -30.34
CA GLU A 495 -21.00 17.01 -29.96
C GLU A 495 -20.97 18.29 -29.13
N PRO A 496 -22.00 19.14 -29.26
CA PRO A 496 -22.04 20.36 -28.43
C PRO A 496 -22.22 20.09 -26.95
N ARG A 497 -22.58 18.86 -26.56
CA ARG A 497 -22.80 18.52 -25.17
C ARG A 497 -21.52 18.08 -24.46
N ASP A 498 -20.42 17.98 -25.19
CA ASP A 498 -19.16 17.46 -24.68
C ASP A 498 -18.13 18.56 -24.46
N CYS A 499 -18.54 19.82 -24.52
CA CYS A 499 -17.63 20.94 -24.29
C CYS A 499 -17.36 21.11 -22.80
N VAL A 500 -16.09 21.35 -22.47
CA VAL A 500 -15.71 21.64 -21.08
C VAL A 500 -16.40 22.92 -20.62
N SER A 501 -16.10 24.03 -21.29
CA SER A 501 -16.76 25.30 -21.02
C SER A 501 -17.34 25.84 -22.33
N CYS A 502 -18.55 26.39 -22.25
CA CYS A 502 -19.22 26.94 -23.42
C CYS A 502 -18.69 28.31 -23.80
N ARG A 503 -18.76 28.62 -25.10
CA ARG A 503 -18.33 29.92 -25.59
C ARG A 503 -19.09 31.03 -24.89
N ASN A 504 -20.41 31.06 -25.07
CA ASN A 504 -21.26 32.11 -24.53
C ASN A 504 -22.20 31.54 -23.48
N VAL A 505 -23.25 30.82 -23.91
CA VAL A 505 -24.32 30.37 -23.04
C VAL A 505 -24.64 28.92 -23.38
N SER A 506 -25.60 28.34 -22.66
CA SER A 506 -25.92 26.94 -22.81
C SER A 506 -27.36 26.68 -22.40
N ARG A 507 -28.02 25.77 -23.13
CA ARG A 507 -29.30 25.20 -22.71
C ARG A 507 -29.00 23.93 -21.94
N GLY A 508 -29.19 23.98 -20.62
CA GLY A 508 -28.79 22.89 -19.76
C GLY A 508 -27.34 22.51 -19.98
N ARG A 509 -27.11 21.32 -20.52
CA ARG A 509 -25.77 20.78 -20.69
C ARG A 509 -25.21 21.03 -22.09
N GLU A 510 -26.03 21.54 -23.01
CA GLU A 510 -25.62 21.70 -24.41
C GLU A 510 -25.37 23.17 -24.70
N CYS A 511 -24.16 23.50 -25.12
CA CYS A 511 -23.78 24.88 -25.40
C CYS A 511 -24.57 25.41 -26.59
N VAL A 512 -24.85 26.71 -26.59
CA VAL A 512 -25.57 27.38 -27.66
C VAL A 512 -25.06 28.81 -27.78
N ASP A 513 -25.52 29.51 -28.81
CA ASP A 513 -25.04 30.85 -29.11
C ASP A 513 -25.66 31.90 -28.19
N LYS A 514 -26.99 31.96 -28.13
CA LYS A 514 -27.68 33.00 -27.38
C LYS A 514 -29.08 32.51 -27.02
N CYS A 515 -29.55 32.95 -25.86
CA CYS A 515 -30.82 32.48 -25.32
C CYS A 515 -32.00 33.01 -26.11
N ASN A 516 -33.09 32.24 -26.10
CA ASN A 516 -34.34 32.61 -26.77
C ASN A 516 -35.06 33.67 -25.94
N LEU A 517 -34.61 34.92 -26.11
CA LEU A 517 -35.22 36.07 -25.45
C LEU A 517 -36.38 36.62 -26.28
N LEU A 518 -36.13 36.88 -27.57
CA LEU A 518 -37.06 37.63 -28.40
C LEU A 518 -38.19 36.73 -28.87
N GLU A 519 -37.86 35.65 -29.57
CA GLU A 519 -38.85 34.74 -30.13
C GLU A 519 -38.46 33.31 -29.75
N GLY A 520 -39.01 32.35 -30.47
CA GLY A 520 -38.69 30.95 -30.24
C GLY A 520 -39.66 30.29 -29.28
N GLU A 521 -39.69 28.95 -29.34
CA GLU A 521 -40.61 28.16 -28.53
C GLU A 521 -40.41 28.42 -27.04
N PRO A 522 -39.28 28.00 -26.41
CA PRO A 522 -39.14 28.26 -24.96
C PRO A 522 -38.79 29.71 -24.69
N ARG A 523 -39.72 30.43 -24.07
CA ARG A 523 -39.41 31.76 -23.56
C ARG A 523 -38.52 31.63 -22.34
N GLU A 524 -37.31 32.18 -22.43
CA GLU A 524 -36.27 31.90 -21.45
C GLU A 524 -35.63 33.21 -20.97
N PHE A 525 -34.90 33.09 -19.86
CA PHE A 525 -34.11 34.19 -19.32
C PHE A 525 -32.67 33.73 -19.15
N VAL A 526 -31.77 34.71 -19.10
CA VAL A 526 -30.33 34.49 -19.04
C VAL A 526 -29.85 34.73 -17.62
N GLU A 527 -29.51 33.65 -16.92
CA GLU A 527 -28.91 33.72 -15.59
C GLU A 527 -27.60 32.94 -15.62
N ASN A 528 -26.50 33.61 -15.24
CA ASN A 528 -25.19 32.99 -15.12
C ASN A 528 -24.82 32.22 -16.39
N SER A 529 -24.96 32.90 -17.53
CA SER A 529 -24.63 32.35 -18.84
C SER A 529 -25.40 31.05 -19.10
N GLU A 530 -26.65 31.02 -18.66
CA GLU A 530 -27.54 29.89 -18.91
C GLU A 530 -28.93 30.39 -19.24
N CYS A 531 -29.64 29.65 -20.08
CA CYS A 531 -31.01 29.95 -20.45
C CYS A 531 -31.94 29.03 -19.69
N ILE A 532 -32.82 29.61 -18.88
CA ILE A 532 -33.82 28.85 -18.11
C ILE A 532 -35.21 29.31 -18.52
N GLN A 533 -36.13 28.35 -18.65
CA GLN A 533 -37.46 28.61 -19.17
C GLN A 533 -38.34 29.30 -18.14
N CYS A 534 -39.05 30.33 -18.58
CA CYS A 534 -40.02 31.02 -17.72
C CYS A 534 -41.16 30.09 -17.33
N HIS A 535 -41.75 30.38 -16.17
CA HIS A 535 -42.97 29.70 -15.76
C HIS A 535 -44.09 29.97 -16.76
N PRO A 536 -44.90 28.94 -17.11
CA PRO A 536 -45.99 29.13 -18.09
C PRO A 536 -46.82 30.39 -17.93
N GLU A 537 -46.97 30.87 -16.69
CA GLU A 537 -47.73 32.08 -16.44
C GLU A 537 -47.16 33.28 -17.19
N CYS A 538 -45.84 33.33 -17.36
CA CYS A 538 -45.19 34.41 -18.08
C CYS A 538 -45.61 34.43 -19.53
N LEU A 539 -46.37 35.45 -19.92
CA LEU A 539 -46.88 35.54 -21.29
C LEU A 539 -45.76 35.94 -22.25
N PRO A 540 -45.57 35.21 -23.35
CA PRO A 540 -44.54 35.58 -24.32
C PRO A 540 -44.76 36.96 -24.91
N GLN A 541 -43.67 37.71 -25.03
CA GLN A 541 -43.66 39.05 -25.62
C GLN A 541 -42.86 39.03 -26.91
N ALA A 542 -43.49 39.49 -28.00
CA ALA A 542 -42.85 39.47 -29.31
C ALA A 542 -41.52 40.22 -29.29
N MET A 543 -41.52 41.44 -28.76
CA MET A 543 -40.35 42.31 -28.79
C MET A 543 -39.63 42.34 -27.45
N ASN A 544 -40.35 42.60 -26.38
CA ASN A 544 -39.74 42.70 -25.06
C ASN A 544 -39.35 41.31 -24.56
N ILE A 545 -38.43 41.28 -23.60
CA ILE A 545 -38.12 40.04 -22.91
C ILE A 545 -39.35 39.56 -22.15
N THR A 546 -39.47 38.23 -22.03
CA THR A 546 -40.65 37.64 -21.40
C THR A 546 -40.56 37.71 -19.88
N CYS A 547 -39.47 37.17 -19.31
CA CYS A 547 -39.36 37.09 -17.86
C CYS A 547 -37.91 37.27 -17.45
N THR A 548 -37.70 37.46 -16.15
CA THR A 548 -36.38 37.61 -15.56
C THR A 548 -36.29 36.78 -14.29
N GLY A 549 -36.65 35.51 -14.40
CA GLY A 549 -36.59 34.60 -13.26
C GLY A 549 -37.45 33.38 -13.48
N ARG A 550 -37.16 32.34 -12.69
CA ARG A 550 -37.87 31.07 -12.82
C ARG A 550 -39.32 31.21 -12.38
N GLY A 551 -39.53 31.66 -11.15
CA GLY A 551 -40.85 31.76 -10.56
C GLY A 551 -41.78 32.69 -11.31
N PRO A 552 -43.09 32.57 -11.04
CA PRO A 552 -44.07 33.41 -11.74
C PRO A 552 -44.07 34.86 -11.27
N ASP A 553 -43.25 35.21 -10.28
CA ASP A 553 -43.25 36.54 -9.70
C ASP A 553 -42.70 37.59 -10.68
N ASN A 554 -41.95 37.16 -11.69
CA ASN A 554 -41.16 38.06 -12.53
C ASN A 554 -41.68 38.09 -13.97
N CYS A 555 -42.97 37.77 -14.17
CA CYS A 555 -43.58 37.89 -15.48
C CYS A 555 -44.01 39.34 -15.72
N ILE A 556 -43.76 39.82 -16.94
CA ILE A 556 -44.20 41.16 -17.30
C ILE A 556 -45.72 41.21 -17.46
N GLN A 557 -46.29 40.18 -18.07
CA GLN A 557 -47.74 40.12 -18.26
C GLN A 557 -48.21 38.69 -18.06
N CYS A 558 -49.42 38.56 -17.53
CA CYS A 558 -50.00 37.27 -17.19
C CYS A 558 -50.83 36.71 -18.33
N ALA A 559 -50.80 35.38 -18.46
CA ALA A 559 -51.45 34.71 -19.59
C ALA A 559 -52.97 34.85 -19.50
N HIS A 560 -53.53 34.75 -18.30
CA HIS A 560 -54.97 34.74 -18.10
C HIS A 560 -55.39 35.94 -17.26
N TYR A 561 -55.32 35.82 -15.95
CA TYR A 561 -55.72 36.87 -15.03
C TYR A 561 -54.50 37.43 -14.32
N ILE A 562 -54.62 38.66 -13.84
CA ILE A 562 -53.54 39.37 -13.18
C ILE A 562 -53.95 39.72 -11.76
N ASP A 563 -53.03 39.50 -10.82
CA ASP A 563 -53.18 39.86 -9.42
C ASP A 563 -51.92 40.54 -8.93
N GLY A 564 -51.50 41.57 -9.66
CA GLY A 564 -50.25 42.26 -9.41
C GLY A 564 -49.13 41.69 -10.26
N PRO A 565 -47.89 41.89 -9.83
CA PRO A 565 -46.76 41.27 -10.56
C PRO A 565 -46.77 39.76 -10.46
N HIS A 566 -47.16 39.22 -9.30
CA HIS A 566 -47.36 37.78 -9.11
C HIS A 566 -48.54 37.33 -9.96
N CYS A 567 -48.24 36.65 -11.07
CA CYS A 567 -49.29 36.18 -11.97
C CYS A 567 -49.86 34.87 -11.43
N VAL A 568 -51.13 34.92 -11.02
CA VAL A 568 -51.83 33.76 -10.48
C VAL A 568 -52.78 33.23 -11.56
N LYS A 569 -53.05 31.93 -11.49
CA LYS A 569 -53.96 31.28 -12.44
C LYS A 569 -55.30 32.00 -12.50
N THR A 570 -55.95 32.15 -11.35
CA THR A 570 -57.20 32.89 -11.22
C THR A 570 -57.20 33.61 -9.89
N CYS A 571 -58.10 34.59 -9.78
CA CYS A 571 -58.26 35.37 -8.55
C CYS A 571 -58.27 34.44 -7.34
N PRO A 572 -57.40 34.67 -6.36
CA PRO A 572 -57.23 33.72 -5.25
C PRO A 572 -58.53 33.41 -4.53
N ALA A 573 -58.76 32.13 -4.29
CA ALA A 573 -59.87 31.63 -3.49
C ALA A 573 -59.28 30.80 -2.36
N GLY A 574 -59.46 31.27 -1.13
CA GLY A 574 -58.92 30.60 0.03
C GLY A 574 -57.51 31.03 0.40
N VAL A 575 -57.02 32.12 -0.19
CA VAL A 575 -55.71 32.64 0.15
C VAL A 575 -55.65 33.01 1.63
N MET A 576 -54.45 32.89 2.21
CA MET A 576 -54.23 33.15 3.63
C MET A 576 -54.78 34.51 4.04
N GLY A 577 -55.70 34.49 5.01
CA GLY A 577 -56.36 35.69 5.47
C GLY A 577 -56.21 35.89 6.97
N GLU A 578 -57.32 35.91 7.69
CA GLU A 578 -57.31 36.01 9.14
C GLU A 578 -57.46 34.60 9.72
N ASN A 579 -56.42 34.15 10.43
CA ASN A 579 -56.37 32.81 11.01
C ASN A 579 -56.82 31.76 10.01
N ASN A 580 -56.26 31.85 8.79
CA ASN A 580 -56.48 30.87 7.72
C ASN A 580 -57.95 30.78 7.32
N THR A 581 -58.62 31.94 7.23
CA THR A 581 -59.99 32.00 6.76
C THR A 581 -60.04 32.13 5.25
N LEU A 582 -60.94 31.36 4.63
CA LEU A 582 -61.09 31.37 3.18
C LEU A 582 -61.53 32.77 2.71
N VAL A 583 -60.87 33.26 1.65
CA VAL A 583 -61.17 34.57 1.08
C VAL A 583 -61.71 34.37 -0.33
N TRP A 584 -62.84 34.99 -0.62
CA TRP A 584 -63.52 34.87 -1.91
C TRP A 584 -63.38 36.17 -2.69
N LYS A 585 -62.84 36.08 -3.90
CA LYS A 585 -62.69 37.23 -4.80
C LYS A 585 -63.44 36.95 -6.10
N TYR A 586 -63.65 38.02 -6.88
CA TYR A 586 -64.42 37.93 -8.12
C TYR A 586 -63.62 38.49 -9.28
N ALA A 587 -63.67 37.80 -10.41
CA ALA A 587 -63.02 38.21 -11.65
C ALA A 587 -63.84 39.28 -12.37
N ASP A 588 -63.15 40.04 -13.22
CA ASP A 588 -63.76 41.12 -14.00
C ASP A 588 -63.30 41.03 -15.45
N ALA A 589 -64.02 41.78 -16.31
CA ALA A 589 -63.73 41.78 -17.74
C ALA A 589 -62.28 42.18 -18.03
N GLY A 590 -61.72 43.05 -17.20
CA GLY A 590 -60.36 43.52 -17.31
C GLY A 590 -59.37 42.63 -16.60
N HIS A 591 -59.82 41.48 -16.11
CA HIS A 591 -59.01 40.48 -15.42
C HIS A 591 -58.51 40.99 -14.07
N VAL A 592 -59.24 41.94 -13.49
CA VAL A 592 -58.91 42.52 -12.19
C VAL A 592 -59.68 41.76 -11.11
N CYS A 593 -59.06 41.60 -9.94
CA CYS A 593 -59.64 40.84 -8.85
C CYS A 593 -59.98 41.79 -7.70
N HIS A 594 -61.19 41.61 -7.15
CA HIS A 594 -61.65 42.41 -6.02
C HIS A 594 -62.49 41.53 -5.09
N LEU A 595 -62.61 41.98 -3.84
CA LEU A 595 -63.25 41.18 -2.81
C LEU A 595 -64.77 41.21 -2.97
N CYS A 596 -65.39 40.04 -2.77
CA CYS A 596 -66.84 39.92 -2.76
C CYS A 596 -67.43 40.41 -1.44
N HIS A 597 -68.75 40.57 -1.43
CA HIS A 597 -69.50 40.91 -0.22
C HIS A 597 -69.76 39.66 0.62
N PRO A 598 -69.58 39.75 1.95
CA PRO A 598 -69.77 38.59 2.84
C PRO A 598 -71.01 37.76 2.57
N ASN A 599 -72.10 38.42 2.16
CA ASN A 599 -73.39 37.73 2.02
C ASN A 599 -73.29 36.56 1.05
N CYS A 600 -72.74 36.80 -0.14
CA CYS A 600 -72.73 35.81 -1.22
C CYS A 600 -71.96 34.54 -0.89
N THR A 601 -72.71 33.47 -0.58
CA THR A 601 -72.09 32.20 -0.21
C THR A 601 -71.51 31.52 -1.44
N TYR A 602 -72.28 31.46 -2.54
CA TYR A 602 -71.92 30.75 -3.76
C TYR A 602 -71.04 31.60 -4.68
N GLY A 603 -70.21 32.46 -4.10
CA GLY A 603 -69.47 33.49 -4.80
C GLY A 603 -70.38 34.63 -5.24
N CYS A 604 -69.79 35.68 -5.81
CA CYS A 604 -70.54 36.85 -6.22
C CYS A 604 -70.19 37.25 -7.64
N THR A 605 -71.21 37.65 -8.40
CA THR A 605 -71.04 38.13 -9.76
C THR A 605 -71.20 39.65 -9.82
N GLY A 606 -71.06 40.33 -8.68
CA GLY A 606 -71.12 41.77 -8.59
C GLY A 606 -70.97 42.22 -7.15
N PRO A 607 -70.74 43.52 -6.96
CA PRO A 607 -70.70 44.06 -5.59
C PRO A 607 -72.06 43.97 -4.91
N GLY A 608 -72.02 43.78 -3.60
CA GLY A 608 -73.21 43.81 -2.77
C GLY A 608 -74.18 42.67 -3.02
N LEU A 609 -75.40 42.85 -2.51
CA LEU A 609 -76.43 41.83 -2.60
C LEU A 609 -76.82 41.54 -4.05
N GLU A 610 -76.71 42.54 -4.93
CA GLU A 610 -77.15 42.43 -6.31
C GLU A 610 -76.30 41.47 -7.12
N GLY A 611 -75.14 41.07 -6.59
CA GLY A 611 -74.20 40.27 -7.36
C GLY A 611 -74.66 38.83 -7.54
N CYS A 612 -75.20 38.22 -6.49
CA CYS A 612 -75.38 36.77 -6.43
C CYS A 612 -76.85 36.41 -6.29
N PRO A 613 -77.56 36.20 -7.39
CA PRO A 613 -78.88 35.55 -7.32
C PRO A 613 -78.75 34.08 -6.96
N THR A 614 -79.89 33.48 -6.66
CA THR A 614 -79.94 32.06 -6.33
C THR A 614 -81.23 31.43 -6.84
N GLU B 5 5.01 -27.71 -22.53
CA GLU B 5 5.37 -28.77 -21.60
C GLU B 5 4.44 -28.78 -20.39
N CYS B 6 3.43 -27.91 -20.43
CA CYS B 6 2.51 -27.76 -19.31
C CYS B 6 1.33 -28.70 -19.45
N PRO B 7 0.86 -29.27 -18.34
CA PRO B 7 -0.39 -30.04 -18.35
C PRO B 7 -1.58 -29.20 -18.76
N LEU B 8 -2.70 -29.90 -18.99
CA LEU B 8 -3.91 -29.28 -19.52
C LEU B 8 -4.51 -28.27 -18.55
N SER B 9 -4.39 -28.54 -17.25
CA SER B 9 -4.96 -27.66 -16.23
C SER B 9 -4.48 -26.22 -16.42
N HIS B 10 -3.17 -26.03 -16.54
CA HIS B 10 -2.56 -24.71 -16.57
C HIS B 10 -2.33 -24.22 -17.98
N ASP B 11 -2.64 -25.02 -18.99
CA ASP B 11 -2.41 -24.67 -20.39
C ASP B 11 -3.46 -23.65 -20.83
N GLY B 12 -2.99 -22.54 -21.41
CA GLY B 12 -3.87 -21.51 -21.90
C GLY B 12 -4.43 -20.64 -20.80
N TYR B 13 -3.61 -20.27 -19.82
CA TYR B 13 -3.98 -19.45 -18.67
C TYR B 13 -3.58 -18.00 -18.86
N CYS B 14 -2.43 -17.78 -19.49
CA CYS B 14 -1.84 -16.46 -19.65
C CYS B 14 -2.44 -15.74 -20.86
N LEU B 15 -2.55 -14.42 -20.74
CA LEU B 15 -3.07 -13.57 -21.81
C LEU B 15 -1.93 -12.80 -22.45
N HIS B 16 -2.26 -12.06 -23.51
CA HIS B 16 -1.32 -11.18 -24.21
C HIS B 16 0.01 -11.90 -24.49
N ASP B 17 -0.11 -13.05 -25.14
CA ASP B 17 0.99 -13.86 -25.66
C ASP B 17 1.82 -14.50 -24.55
N GLY B 18 1.30 -14.50 -23.32
CA GLY B 18 1.95 -15.24 -22.25
C GLY B 18 1.98 -16.74 -22.53
N VAL B 19 3.06 -17.38 -22.10
CA VAL B 19 3.24 -18.81 -22.33
C VAL B 19 3.56 -19.48 -21.00
N CYS B 20 2.91 -20.62 -20.75
CA CYS B 20 3.15 -21.41 -19.55
C CYS B 20 4.59 -21.90 -19.50
N MET B 21 5.23 -21.75 -18.34
CA MET B 21 6.57 -22.23 -18.10
C MET B 21 6.62 -22.93 -16.74
N TYR B 22 7.34 -24.06 -16.72
CA TYR B 22 7.41 -24.93 -15.56
C TYR B 22 8.52 -24.47 -14.62
N ILE B 23 8.15 -24.12 -13.39
CA ILE B 23 9.09 -23.74 -12.35
C ILE B 23 9.61 -25.01 -11.68
N GLU B 24 10.76 -25.49 -12.18
CA GLU B 24 11.44 -26.66 -11.61
C GLU B 24 11.73 -26.49 -10.13
N ALA B 25 12.08 -25.25 -9.72
CA ALA B 25 12.55 -24.98 -8.36
C ALA B 25 11.67 -25.65 -7.31
N LEU B 26 10.38 -25.31 -7.31
CA LEU B 26 9.44 -25.80 -6.31
C LEU B 26 8.23 -26.44 -6.96
N ASP B 27 8.35 -26.88 -8.22
CA ASP B 27 7.30 -27.59 -8.93
C ASP B 27 6.04 -26.73 -9.02
N LYS B 28 6.20 -25.55 -9.62
CA LYS B 28 5.10 -24.63 -9.86
C LYS B 28 5.02 -24.29 -11.35
N TYR B 29 4.11 -23.38 -11.69
CA TYR B 29 3.95 -22.92 -13.06
C TYR B 29 3.82 -21.40 -13.05
N ALA B 30 4.21 -20.78 -14.16
CA ALA B 30 4.14 -19.33 -14.27
C ALA B 30 4.02 -18.94 -15.74
N CYS B 31 3.86 -17.64 -15.99
CA CYS B 31 3.72 -17.12 -17.34
C CYS B 31 4.99 -16.37 -17.74
N ASN B 32 5.37 -16.50 -19.01
CA ASN B 32 6.51 -15.77 -19.57
C ASN B 32 5.97 -14.65 -20.46
N CYS B 33 5.69 -13.51 -19.84
CA CYS B 33 5.07 -12.40 -20.55
C CYS B 33 6.05 -11.75 -21.52
N VAL B 34 5.48 -11.14 -22.57
CA VAL B 34 6.28 -10.39 -23.52
C VAL B 34 6.72 -9.07 -22.91
N VAL B 35 7.79 -8.50 -23.48
CA VAL B 35 8.31 -7.22 -23.01
C VAL B 35 7.24 -6.16 -23.18
N GLY B 36 7.06 -5.33 -22.15
CA GLY B 36 6.10 -4.25 -22.18
C GLY B 36 4.73 -4.63 -21.66
N TYR B 37 4.53 -5.89 -21.29
CA TYR B 37 3.33 -6.36 -20.62
C TYR B 37 3.74 -7.11 -19.37
N ILE B 38 3.18 -6.72 -18.22
CA ILE B 38 3.61 -7.27 -16.94
C ILE B 38 2.42 -7.88 -16.21
N GLY B 39 2.68 -8.48 -15.05
CA GLY B 39 1.68 -9.21 -14.30
C GLY B 39 1.73 -10.70 -14.56
N GLU B 40 1.19 -11.47 -13.62
CA GLU B 40 1.27 -12.92 -13.71
C GLU B 40 0.42 -13.47 -14.85
N ARG B 41 -0.59 -12.72 -15.28
CA ARG B 41 -1.42 -13.10 -16.43
C ARG B 41 -1.17 -12.18 -17.61
N CYS B 42 -0.07 -11.40 -17.54
CA CYS B 42 0.35 -10.49 -18.60
C CYS B 42 -0.75 -9.49 -18.94
N GLN B 43 -1.31 -8.87 -17.91
CA GLN B 43 -2.50 -8.04 -18.03
C GLN B 43 -2.19 -6.55 -18.00
N TYR B 44 -1.19 -6.14 -17.23
CA TYR B 44 -0.89 -4.74 -17.00
C TYR B 44 0.11 -4.23 -18.04
N ARG B 45 -0.17 -3.06 -18.60
CA ARG B 45 0.73 -2.44 -19.57
C ARG B 45 1.80 -1.64 -18.86
N ASP B 46 3.03 -1.72 -19.38
CA ASP B 46 4.10 -0.83 -18.95
C ASP B 46 3.68 0.63 -19.10
N LEU B 47 3.60 1.34 -17.97
CA LEU B 47 3.06 2.69 -17.92
C LEU B 47 4.14 3.76 -18.01
N LYS B 48 5.31 3.51 -17.44
CA LYS B 48 6.33 4.55 -17.32
C LYS B 48 7.07 4.78 -18.63
N TRP B 49 7.23 3.75 -19.46
CA TRP B 49 7.91 3.86 -20.73
C TRP B 49 7.12 3.10 -21.79
N TRP B 50 7.38 3.46 -23.05
CA TRP B 50 6.74 2.85 -24.22
C TRP B 50 5.23 2.82 -24.06
N GLU B 51 4.66 4.01 -23.87
CA GLU B 51 3.22 4.21 -23.75
C GLU B 51 2.65 3.47 -22.54
N GLN C 1 15.04 -28.00 18.48
CA GLN C 1 13.87 -28.84 18.40
C GLN C 1 14.20 -30.27 18.80
N VAL C 2 15.35 -30.43 19.47
CA VAL C 2 15.83 -31.72 19.93
C VAL C 2 16.22 -31.59 21.40
N GLN C 3 16.22 -32.72 22.10
CA GLN C 3 16.51 -32.73 23.52
C GLN C 3 18.01 -32.86 23.78
N LEU C 4 18.38 -32.75 25.05
CA LEU C 4 19.79 -32.80 25.46
C LEU C 4 19.91 -33.65 26.71
N GLN C 5 21.16 -33.89 27.13
CA GLN C 5 21.39 -34.59 28.39
C GLN C 5 22.85 -34.46 28.78
N GLU C 6 23.11 -34.21 30.05
CA GLU C 6 24.46 -34.03 30.55
C GLU C 6 25.04 -35.35 31.06
N SER C 7 26.31 -35.31 31.45
CA SER C 7 26.97 -36.45 32.11
C SER C 7 28.31 -35.99 32.67
N GLY C 8 28.65 -36.53 33.84
CA GLY C 8 29.94 -36.30 34.48
C GLY C 8 29.86 -35.53 35.78
N GLY C 9 28.68 -35.04 36.14
CA GLY C 9 28.53 -34.25 37.35
C GLY C 9 28.81 -35.07 38.60
N GLY C 10 29.67 -34.56 39.48
CA GLY C 10 30.01 -35.27 40.68
C GLY C 10 30.94 -34.49 41.58
N SER C 11 31.66 -35.22 42.43
CA SER C 11 32.54 -34.63 43.44
C SER C 11 33.99 -34.89 43.09
N VAL C 12 34.84 -33.90 43.44
CA VAL C 12 36.27 -33.97 43.14
C VAL C 12 37.03 -33.18 44.19
N GLN C 13 38.33 -33.48 44.30
CA GLN C 13 39.21 -32.76 45.20
C GLN C 13 39.54 -31.38 44.64
N ALA C 14 39.59 -30.39 45.54
CA ALA C 14 40.01 -29.04 45.16
C ALA C 14 41.34 -29.07 44.42
N GLY C 15 41.33 -28.52 43.21
CA GLY C 15 42.51 -28.49 42.36
C GLY C 15 42.65 -29.69 41.46
N GLY C 16 41.64 -30.54 41.37
CA GLY C 16 41.67 -31.74 40.56
C GLY C 16 41.38 -31.46 39.10
N SER C 17 41.05 -32.52 38.38
CA SER C 17 40.72 -32.45 36.97
C SER C 17 39.47 -33.28 36.70
N LEU C 18 38.66 -32.83 35.74
CA LEU C 18 37.41 -33.50 35.41
C LEU C 18 37.09 -33.29 33.94
N LYS C 19 36.09 -34.05 33.48
CA LYS C 19 35.72 -34.08 32.07
C LYS C 19 34.21 -34.24 31.99
N LEU C 20 33.50 -33.18 31.63
CA LEU C 20 32.05 -33.21 31.50
C LEU C 20 31.64 -33.40 30.05
N SER C 21 30.42 -33.90 29.84
CA SER C 21 29.93 -34.16 28.48
C SER C 21 28.45 -33.82 28.39
N CYS C 22 28.02 -33.51 27.16
CA CYS C 22 26.65 -33.11 26.85
C CYS C 22 26.24 -33.76 25.53
N ALA C 23 25.36 -34.74 25.60
CA ALA C 23 24.93 -35.52 24.44
C ALA C 23 23.57 -35.02 23.94
N ALA C 24 23.48 -34.80 22.62
CA ALA C 24 22.26 -34.30 22.00
C ALA C 24 21.35 -35.46 21.62
N SER C 25 20.10 -35.38 22.06
CA SER C 25 19.05 -36.38 21.82
C SER C 25 18.19 -35.93 20.65
N GLY C 26 18.61 -36.30 19.44
CA GLY C 26 17.89 -35.93 18.23
C GLY C 26 18.83 -35.93 17.04
N ARG C 27 18.52 -35.07 16.08
CA ARG C 27 19.28 -34.99 14.83
C ARG C 27 19.82 -33.57 14.63
N SER C 28 20.55 -33.40 13.52
CA SER C 28 21.08 -32.10 13.11
C SER C 28 21.97 -31.46 14.17
N PHE C 29 22.65 -32.30 14.96
CA PHE C 29 23.51 -31.80 16.04
C PHE C 29 24.48 -30.74 15.51
N SER C 30 25.11 -31.02 14.37
CA SER C 30 26.10 -30.11 13.79
C SER C 30 25.53 -28.69 13.64
N THR C 31 24.23 -28.57 13.47
CA THR C 31 23.59 -27.29 13.22
C THR C 31 23.39 -26.48 14.49
N TYR C 32 23.53 -27.11 15.66
CA TYR C 32 23.24 -26.45 16.94
C TYR C 32 24.54 -25.99 17.60
N ALA C 33 24.60 -24.71 17.95
CA ALA C 33 25.61 -24.22 18.88
C ALA C 33 25.33 -24.76 20.27
N MET C 34 26.39 -25.04 21.03
CA MET C 34 26.31 -25.62 22.35
C MET C 34 26.85 -24.67 23.40
N GLY C 35 26.15 -24.56 24.53
CA GLY C 35 26.56 -23.71 25.62
C GLY C 35 26.42 -24.36 26.99
N TRP C 36 27.37 -24.06 27.88
CA TRP C 36 27.33 -24.52 29.25
C TRP C 36 27.00 -23.36 30.19
N PHE C 37 26.14 -23.64 31.18
CA PHE C 37 25.74 -22.68 32.21
C PHE C 37 25.84 -23.34 33.58
N ARG C 38 26.05 -22.52 34.61
CA ARG C 38 26.15 -23.03 35.97
C ARG C 38 25.35 -22.12 36.91
N GLN C 39 24.86 -22.72 37.99
CA GLN C 39 24.21 -21.99 39.07
C GLN C 39 24.77 -22.46 40.41
N ALA C 40 25.50 -21.59 41.08
CA ALA C 40 25.91 -21.85 42.46
C ALA C 40 24.69 -22.03 43.36
N PRO C 41 24.66 -23.07 44.19
CA PRO C 41 23.51 -23.26 45.09
C PRO C 41 23.17 -22.01 45.88
N GLY C 42 21.89 -21.63 45.82
CA GLY C 42 21.39 -20.45 46.51
C GLY C 42 21.75 -19.15 45.84
N GLN C 43 22.17 -19.21 44.57
CA GLN C 43 22.48 -18.07 43.73
C GLN C 43 21.60 -18.12 42.48
N ASP C 44 21.88 -17.23 41.53
CA ASP C 44 21.17 -17.19 40.27
C ASP C 44 21.99 -17.86 39.17
N ARG C 45 21.28 -18.30 38.13
CA ARG C 45 21.90 -19.10 37.08
C ARG C 45 22.76 -18.21 36.17
N GLU C 46 24.00 -18.64 35.93
CA GLU C 46 24.99 -17.80 35.29
C GLU C 46 25.67 -18.53 34.15
N PHE C 47 26.29 -17.75 33.26
CA PHE C 47 26.91 -18.24 32.04
C PHE C 47 28.27 -18.88 32.33
N VAL C 48 28.61 -19.91 31.55
CA VAL C 48 29.89 -20.59 31.67
C VAL C 48 30.68 -20.49 30.36
N ALA C 49 30.14 -21.06 29.29
CA ALA C 49 30.92 -21.15 28.05
C ALA C 49 29.99 -21.43 26.88
N THR C 50 30.54 -21.37 25.67
CA THR C 50 29.74 -21.61 24.47
C THR C 50 30.66 -21.93 23.31
N ILE C 51 30.07 -22.50 22.27
CA ILE C 51 30.75 -22.82 21.01
C ILE C 51 29.71 -22.84 19.90
N SER C 52 29.91 -21.99 18.90
CA SER C 52 28.93 -21.76 17.85
C SER C 52 28.72 -23.01 17.01
N TRP C 53 27.58 -23.02 16.30
CA TRP C 53 27.35 -24.04 15.28
C TRP C 53 28.31 -23.90 14.11
N THR C 54 29.07 -22.80 14.06
CA THR C 54 30.14 -22.59 13.11
C THR C 54 31.50 -22.89 13.73
N ASP C 55 31.51 -23.64 14.82
CA ASP C 55 32.72 -24.10 15.51
C ASP C 55 33.60 -22.93 15.95
N SER C 56 32.99 -21.94 16.60
CA SER C 56 33.69 -20.81 17.18
C SER C 56 33.50 -20.82 18.69
N THR C 57 34.61 -20.96 19.42
CA THR C 57 34.60 -21.11 20.86
C THR C 57 34.49 -19.73 21.53
N ASP C 58 33.98 -19.73 22.77
CA ASP C 58 33.91 -18.49 23.55
C ASP C 58 33.72 -18.82 25.02
N TYR C 59 34.57 -18.25 25.87
CA TYR C 59 34.61 -18.58 27.28
C TYR C 59 34.22 -17.37 28.13
N ALA C 60 33.61 -17.65 29.27
CA ALA C 60 33.51 -16.68 30.36
C ALA C 60 34.85 -16.53 31.08
N ASP C 61 35.10 -15.33 31.60
CA ASP C 61 36.43 -14.98 32.09
C ASP C 61 36.84 -15.83 33.29
N SER C 62 35.87 -16.18 34.15
CA SER C 62 36.18 -16.98 35.34
C SER C 62 36.81 -18.30 34.95
N VAL C 63 36.19 -19.02 34.01
CA VAL C 63 36.65 -20.34 33.59
C VAL C 63 37.70 -20.26 32.49
N LYS C 64 37.92 -19.09 31.91
CA LYS C 64 38.85 -18.93 30.80
C LYS C 64 40.25 -19.37 31.22
N GLY C 65 40.84 -20.26 30.41
CA GLY C 65 42.18 -20.75 30.66
C GLY C 65 42.24 -21.90 31.62
N ARG C 66 41.13 -22.24 32.26
CA ARG C 66 41.00 -23.41 33.12
C ARG C 66 40.07 -24.45 32.52
N PHE C 67 39.23 -24.06 31.57
CA PHE C 67 38.20 -24.89 30.98
C PHE C 67 38.43 -24.95 29.47
N THR C 68 38.04 -26.07 28.87
CA THR C 68 38.16 -26.27 27.42
C THR C 68 36.90 -26.99 26.92
N ILE C 69 35.91 -26.19 26.49
CA ILE C 69 34.73 -26.71 25.81
C ILE C 69 35.12 -27.25 24.44
N SER C 70 34.37 -28.24 23.95
CA SER C 70 34.60 -28.80 22.63
C SER C 70 33.33 -29.53 22.18
N ARG C 71 33.33 -29.94 20.91
CA ARG C 71 32.17 -30.61 20.33
C ARG C 71 32.64 -31.64 19.31
N ASP C 72 31.90 -32.75 19.24
CA ASP C 72 32.14 -33.83 18.28
C ASP C 72 30.86 -34.08 17.49
N ASN C 73 30.88 -33.63 16.22
CA ASN C 73 29.71 -33.73 15.34
C ASN C 73 29.37 -35.18 15.02
N ALA C 74 30.38 -36.02 14.79
CA ALA C 74 30.15 -37.40 14.40
C ALA C 74 29.34 -38.15 15.45
N LYS C 75 29.69 -37.96 16.72
CA LYS C 75 29.09 -38.69 17.83
C LYS C 75 27.94 -37.91 18.46
N ASN C 76 27.68 -36.69 17.98
CA ASN C 76 26.62 -35.83 18.49
C ASN C 76 26.81 -35.57 19.98
N THR C 77 28.02 -35.15 20.35
CA THR C 77 28.33 -34.94 21.75
C THR C 77 29.17 -33.68 21.91
N GLY C 78 29.27 -33.23 23.16
CA GLY C 78 30.16 -32.14 23.50
C GLY C 78 30.88 -32.47 24.78
N TYR C 79 32.01 -31.80 24.98
CA TYR C 79 32.88 -32.09 26.11
C TYR C 79 33.34 -30.79 26.76
N LEU C 80 33.87 -30.94 27.97
CA LEU C 80 34.39 -29.80 28.73
C LEU C 80 35.47 -30.32 29.67
N GLN C 81 36.72 -30.14 29.27
CA GLN C 81 37.87 -30.44 30.14
C GLN C 81 37.99 -29.33 31.18
N MET C 82 38.18 -29.71 32.44
CA MET C 82 38.19 -28.75 33.54
C MET C 82 39.34 -29.06 34.48
N ASN C 83 40.33 -28.18 34.50
CA ASN C 83 41.54 -28.37 35.28
C ASN C 83 41.68 -27.25 36.31
N SER C 84 42.60 -27.46 37.26
CA SER C 84 42.87 -26.52 38.34
C SER C 84 41.56 -26.04 38.98
N LEU C 85 40.74 -27.00 39.37
CA LEU C 85 39.40 -26.72 39.87
C LEU C 85 39.47 -25.97 41.19
N LYS C 86 38.46 -25.13 41.42
CA LYS C 86 38.32 -24.28 42.58
C LYS C 86 37.05 -24.62 43.33
N PRO C 87 37.07 -24.58 44.67
CA PRO C 87 35.82 -24.73 45.45
C PRO C 87 34.69 -23.83 44.96
N GLU C 88 35.03 -22.72 44.31
CA GLU C 88 34.02 -21.81 43.75
C GLU C 88 33.25 -22.43 42.59
N ASP C 89 33.74 -23.54 42.03
CA ASP C 89 33.10 -24.17 40.88
C ASP C 89 31.83 -24.93 41.24
N THR C 90 31.71 -25.38 42.49
CA THR C 90 30.55 -26.15 42.94
C THR C 90 29.25 -25.48 42.54
N ALA C 91 28.48 -26.15 41.68
CA ALA C 91 27.23 -25.59 41.18
C ALA C 91 26.46 -26.67 40.42
N VAL C 92 25.24 -26.31 40.02
CA VAL C 92 24.42 -27.14 39.15
C VAL C 92 24.66 -26.69 37.71
N TYR C 93 25.14 -27.61 36.88
CA TYR C 93 25.56 -27.31 35.51
C TYR C 93 24.52 -27.82 34.51
N TYR C 94 24.18 -26.97 33.56
CA TYR C 94 23.29 -27.30 32.45
C TYR C 94 24.01 -27.06 31.13
N CYS C 95 23.51 -27.70 30.07
CA CYS C 95 23.97 -27.42 28.72
C CYS C 95 22.76 -27.17 27.81
N ALA C 96 22.78 -26.03 27.14
CA ALA C 96 21.76 -25.59 26.21
C ALA C 96 22.30 -25.58 24.79
N ALA C 97 21.41 -25.43 23.82
CA ALA C 97 21.81 -25.43 22.42
C ALA C 97 20.85 -24.57 21.62
N ASP C 98 21.28 -24.20 20.41
CA ASP C 98 20.45 -23.38 19.54
C ASP C 98 21.09 -23.29 18.15
N ARG C 99 20.24 -23.31 17.11
CA ARG C 99 20.72 -23.34 15.74
C ARG C 99 21.03 -21.94 15.22
N TRP C 100 20.24 -20.94 15.61
CA TRP C 100 20.25 -19.64 14.96
C TRP C 100 20.97 -18.58 15.77
N ALA C 101 21.75 -18.97 16.78
CA ALA C 101 22.45 -18.02 17.61
C ALA C 101 23.61 -18.73 18.31
N SER C 102 24.67 -17.96 18.57
CA SER C 102 25.77 -18.36 19.44
C SER C 102 26.11 -17.20 20.38
N SER C 103 25.14 -16.83 21.20
CA SER C 103 25.25 -15.71 22.12
C SER C 103 25.61 -16.22 23.51
N ARG C 104 25.62 -15.32 24.48
CA ARG C 104 25.94 -15.64 25.87
C ARG C 104 24.74 -15.47 26.78
N ARG C 105 23.64 -14.90 26.28
CA ARG C 105 22.46 -14.64 27.08
C ARG C 105 21.67 -15.92 27.30
N ASN C 106 21.33 -16.21 28.56
CA ASN C 106 20.55 -17.39 28.91
C ASN C 106 19.20 -17.43 28.19
N VAL C 107 18.70 -16.28 27.74
CA VAL C 107 17.37 -16.22 27.15
C VAL C 107 17.39 -16.71 25.71
N ASP C 108 18.53 -16.59 25.02
CA ASP C 108 18.62 -16.85 23.58
C ASP C 108 18.69 -18.34 23.27
N TYR C 109 18.90 -19.19 24.27
CA TYR C 109 18.91 -20.63 24.11
C TYR C 109 17.63 -21.18 24.71
N ASP C 110 16.77 -21.75 23.86
CA ASP C 110 15.42 -22.16 24.24
C ASP C 110 15.22 -23.66 24.14
N TYR C 111 16.31 -24.43 24.03
CA TYR C 111 16.28 -25.88 24.10
C TYR C 111 17.34 -26.29 25.11
N TRP C 112 16.93 -26.99 26.17
CA TRP C 112 17.75 -27.13 27.36
C TRP C 112 17.95 -28.59 27.75
N GLY C 113 19.18 -28.90 28.19
CA GLY C 113 19.47 -30.09 28.93
C GLY C 113 19.08 -29.97 30.40
N GLN C 114 19.09 -31.11 31.09
CA GLN C 114 18.45 -31.24 32.39
C GLN C 114 19.42 -31.04 33.55
N GLY C 115 20.70 -31.23 33.33
CA GLY C 115 21.75 -30.75 34.23
C GLY C 115 22.22 -31.80 35.22
N THR C 116 23.26 -31.43 35.95
CA THR C 116 23.86 -32.32 36.94
C THR C 116 24.61 -31.50 37.99
N GLN C 117 24.73 -32.05 39.19
CA GLN C 117 25.47 -31.41 40.27
C GLN C 117 26.96 -31.64 40.09
N VAL C 118 27.76 -30.58 40.24
CA VAL C 118 29.21 -30.68 40.22
C VAL C 118 29.76 -30.03 41.48
N THR C 119 30.61 -30.76 42.21
CA THR C 119 31.10 -30.32 43.50
C THR C 119 32.62 -30.38 43.52
N VAL C 120 33.24 -29.38 44.14
CA VAL C 120 34.67 -29.34 44.39
C VAL C 120 34.89 -29.22 45.90
N SER C 121 35.71 -30.11 46.46
CA SER C 121 35.89 -30.21 47.89
C SER C 121 36.38 -28.89 48.50
N SER C 122 36.10 -28.73 49.80
CA SER C 122 36.45 -27.53 50.54
C SER C 122 37.97 -27.35 50.62
N HIS C 123 38.37 -26.11 50.97
CA HIS C 123 39.78 -25.77 51.12
C HIS C 123 40.51 -26.75 52.04
N GLY C 124 39.85 -27.19 53.11
CA GLY C 124 40.48 -28.06 54.09
C GLY C 124 41.25 -29.21 53.46
N SER C 125 40.58 -29.97 52.59
CA SER C 125 41.19 -31.19 52.05
C SER C 125 42.34 -30.84 51.10
N GLY C 126 42.22 -29.77 50.34
CA GLY C 126 43.19 -29.46 49.30
C GLY C 126 44.09 -28.29 49.63
N LEU C 127 44.45 -27.51 48.61
CA LEU C 127 45.30 -26.33 48.76
C LEU C 127 44.53 -25.08 48.39
N VAL C 128 45.17 -23.93 48.63
CA VAL C 128 44.62 -22.62 48.27
C VAL C 128 44.87 -22.38 46.79
N PRO C 129 43.81 -22.29 45.97
CA PRO C 129 43.98 -22.08 44.52
C PRO C 129 44.93 -20.95 44.19
N ARG C 130 45.53 -21.04 43.00
CA ARG C 130 46.58 -20.12 42.57
C ARG C 130 45.98 -18.77 42.16
C1 NAG D . 21.45 5.50 -13.65
C2 NAG D . 22.10 4.93 -14.94
C3 NAG D . 23.23 5.83 -15.44
C4 NAG D . 22.79 7.28 -15.55
C5 NAG D . 22.23 7.73 -14.21
C6 NAG D . 21.70 9.15 -14.23
C7 NAG D . 23.52 3.21 -13.87
C8 NAG D . 23.85 1.75 -13.83
N2 NAG D . 22.56 3.56 -14.74
O3 NAG D . 23.68 5.36 -16.71
O4 NAG D . 23.89 8.11 -15.90
O5 NAG D . 21.12 6.89 -13.86
O6 NAG D . 22.73 10.07 -14.61
O7 NAG D . 24.09 4.03 -13.16
C1 NAG E . 29.16 -10.12 -18.29
C2 NAG E . 29.18 -9.06 -19.43
C3 NAG E . 28.94 -9.67 -20.82
C4 NAG E . 29.65 -11.01 -21.03
C5 NAG E . 29.44 -11.92 -19.84
C6 NAG E . 30.20 -13.23 -19.95
C7 NAG E . 28.59 -6.73 -18.95
C8 NAG E . 27.46 -5.76 -18.71
N2 NAG E . 28.22 -7.99 -19.17
O3 NAG E . 29.38 -8.75 -21.82
O4 NAG E . 29.15 -11.65 -22.20
O5 NAG E . 29.93 -11.27 -18.67
O6 NAG E . 29.38 -14.34 -19.66
O7 NAG E . 29.75 -6.38 -18.96
C1 NAG F . 3.82 -19.32 9.59
C2 NAG F . 2.97 -18.13 10.04
C3 NAG F . 1.46 -18.39 9.86
C4 NAG F . 1.14 -19.05 8.52
C5 NAG F . 2.11 -20.17 8.19
C6 NAG F . 1.94 -20.72 6.79
C7 NAG F . 3.88 -16.67 11.81
C8 NAG F . 4.07 -16.48 13.28
N2 NAG F . 3.25 -17.78 11.44
O3 NAG F . 0.74 -17.17 9.98
O4 NAG F . -0.19 -19.57 8.54
O5 NAG F . 3.45 -19.69 8.28
O6 NAG F . 3.04 -21.55 6.42
O7 NAG F . 4.26 -15.84 10.99
C1 NAG G . -14.42 -12.43 -11.42
C2 NAG G . -13.01 -12.78 -10.98
C3 NAG G . -13.05 -13.71 -9.78
C4 NAG G . -13.97 -13.17 -8.69
C5 NAG G . -15.31 -12.67 -9.25
C6 NAG G . -16.14 -11.91 -8.24
C7 NAG G . -11.49 -12.67 -12.92
C8 NAG G . -10.79 -13.46 -13.98
N2 NAG G . -12.25 -13.39 -12.07
O3 NAG G . -11.74 -13.90 -9.26
O4 NAG G . -14.23 -14.19 -7.73
O5 NAG G . -15.10 -11.79 -10.36
O6 NAG G . -15.39 -10.89 -7.60
O7 NAG G . -11.39 -11.46 -12.83
C1 NAG H . -30.94 4.61 -5.11
C2 NAG H . -30.92 5.41 -6.45
C3 NAG H . -32.31 5.97 -6.86
C4 NAG H . -33.46 5.03 -6.54
C5 NAG H . -33.34 4.44 -5.14
C6 NAG H . -34.43 3.44 -4.83
C7 NAG H . -28.71 6.34 -6.93
C8 NAG H . -27.82 7.55 -6.81
N2 NAG H . -29.93 6.47 -6.41
O3 NAG H . -32.30 6.26 -8.25
O4 NAG H . -34.69 5.73 -6.64
O5 NAG H . -32.09 3.75 -5.04
O6 NAG H . -35.45 4.01 -4.02
O7 NAG H . -28.33 5.31 -7.48
C1 NAG I . -14.61 -0.30 -32.96
C2 NAG I . -14.94 -1.70 -33.48
C3 NAG I . -15.80 -1.63 -34.75
C4 NAG I . -16.99 -0.69 -34.57
C5 NAG I . -16.55 0.64 -33.95
C6 NAG I . -17.72 1.53 -33.58
C7 NAG I . -13.50 -3.68 -33.28
C8 NAG I . -12.19 -4.31 -33.63
N2 NAG I . -13.72 -2.45 -33.74
O3 NAG I . -16.25 -2.93 -35.09
O4 NAG I . -17.61 -0.45 -35.81
O5 NAG I . -15.81 0.41 -32.74
O6 NAG I . -18.71 1.54 -34.61
O7 NAG I . -14.33 -4.27 -32.59
C1 NAG J . -20.77 34.45 -28.81
C2 NAG J . -21.08 34.03 -30.24
C3 NAG J . -20.26 34.83 -31.25
C4 NAG J . -20.32 36.32 -30.96
C5 NAG J . -20.01 36.60 -29.49
C6 NAG J . -20.19 38.06 -29.10
C7 NAG J . -21.54 31.87 -31.33
C8 NAG J . -21.18 30.41 -31.38
N2 NAG J . -20.87 32.60 -30.42
O3 NAG J . -20.74 34.58 -32.57
O4 NAG J . -19.38 37.02 -31.76
O5 NAG J . -20.93 35.85 -28.67
O6 NAG J . -20.17 38.89 -30.25
O7 NAG J . -22.38 32.36 -32.06
#